data_3R1G
#
_entry.id   3R1G
#
_cell.length_a   46.112
_cell.length_b   75.537
_cell.length_c   112.016
_cell.angle_alpha   90.00
_cell.angle_beta   99.82
_cell.angle_gamma   90.00
#
_symmetry.space_group_name_H-M   'P 1 21 1'
#
loop_
_entity.id
_entity.type
_entity.pdbx_description
1 polymer 'Beta-secretase 1'
2 polymer 'FAB of YW412.8.31 antibody heavy chain'
3 polymer 'FAB of YW412.8.31 antibody light chain'
4 water water
#
loop_
_entity_poly.entity_id
_entity_poly.type
_entity_poly.pdbx_seq_one_letter_code
_entity_poly.pdbx_strand_id
1 'polypeptide(L)'
;GSRGSFVEMVDNLRGKSGQGYYVEMTVGSPPQTLNILVDTGSSNFAVGAAPHPFLHRYYQRQLSSTYRDLRKGVYVPYTQ
GKWEGELGTDLVSIPHGPNVTVRANIAAITESDKFFINGSNWEGILGLAYAEIARPDDSLEPFFDSLVKQTHVPNLFSLQ
LCGAGFPLNQSEVLASVGGSMIIGGIDHSLYTGSLWYTPIRREWYYEVIIVRVEINGQDLKMDCKEYNYDKSIVDSGTTN
LRLPKKVFEAAVKSIKAASSTEKFPDGFWLGEQLVCWQAGTTPWNIFPVISLYLMGEVTNQSFRITILPQQYLRPVEDVA
TSQDDCYKFAISQSSTGTVMGAVIMEGFYVVFDRARKRIGFAVSACHVHDEFRTAAVEGPFVTLDMEDCGYNIPQTDESG
NS
;
B
2 'polypeptide(L)'
;EVQLVESGGGLVQPGGSLRLSCAASGFTFLGYGIHWVRQAPGKGLEWVGWISPAGGSTDYADSVKGRFTISADTSKNTAY
LQMNSLRAEDTAVYYCARGPFSPWVMDYWGQGTLVTVSSASTKGPSVFPLAPSSKSTSGGTAALGCLVKDYFPEPVTVSW
NSGALTSGVHTFPAVLQSSGLYSLSSVVTVPSSSLGTQTYICNVNHKPSNTKVDKKVEPKSC
;
H
3 'polypeptide(L)'
;DIQMTQSPSSLSASVGDRVTITCRASQDVSTAVAWYQQKPGKAPKLLIYSASFLYSGVPSRFSGSGSGTDFTLTISSLQP
EDFATYYCQQFPTYLPTFGQGTKVEIKRTVAAPSVFIFPPSDEQLKSGTASVVCLLNNFYPREAKVQWKVDNALQSGNSQ
ESVTEQDSKDSTYSLSSTLTLSKADYEKHKVYACEVTHQGLSSPVTKSFNRGEC
;
L
#
# COMPACT_ATOMS: atom_id res chain seq x y z
N SER A 2 -39.42 -21.51 -13.73
CA SER A 2 -38.46 -21.51 -12.64
C SER A 2 -37.06 -21.84 -13.14
N ARG A 3 -36.91 -21.94 -14.45
CA ARG A 3 -35.64 -22.31 -15.05
C ARG A 3 -35.52 -21.75 -16.47
N GLY A 4 -34.93 -20.57 -16.59
CA GLY A 4 -34.76 -19.94 -17.89
C GLY A 4 -33.78 -18.78 -17.85
N SER A 5 -34.22 -17.61 -18.30
CA SER A 5 -33.39 -16.42 -18.29
C SER A 5 -34.17 -15.19 -17.84
N PHE A 6 -33.77 -14.66 -16.68
CA PHE A 6 -34.45 -13.51 -16.09
C PHE A 6 -33.56 -12.28 -16.18
N VAL A 7 -33.55 -11.64 -17.35
CA VAL A 7 -32.64 -10.54 -17.63
C VAL A 7 -33.03 -9.26 -16.91
N GLU A 8 -34.23 -9.23 -16.35
CA GLU A 8 -34.70 -8.05 -15.64
C GLU A 8 -34.35 -8.08 -14.14
N MET A 9 -33.82 -9.21 -13.70
CA MET A 9 -33.38 -9.34 -12.31
C MET A 9 -31.85 -9.43 -12.23
N VAL A 10 -31.22 -9.59 -13.39
CA VAL A 10 -29.77 -9.68 -13.45
C VAL A 10 -29.11 -8.38 -13.03
N ASP A 11 -28.24 -8.45 -12.03
CA ASP A 11 -27.49 -7.30 -11.55
C ASP A 11 -28.37 -6.29 -10.81
N ASN A 12 -29.32 -6.80 -10.04
CA ASN A 12 -30.25 -5.95 -9.31
C ASN A 12 -29.84 -5.73 -7.85
N LEU A 13 -28.64 -6.16 -7.51
CA LEU A 13 -28.12 -6.02 -6.15
C LEU A 13 -26.95 -5.03 -6.06
N ARG A 14 -26.95 -4.25 -5.00
CA ARG A 14 -25.87 -3.31 -4.73
C ARG A 14 -25.44 -3.41 -3.28
N GLY A 15 -24.34 -2.75 -2.93
CA GLY A 15 -23.87 -2.76 -1.56
C GLY A 15 -22.42 -2.37 -1.42
N LYS A 16 -21.95 -2.30 -0.17
CA LYS A 16 -20.56 -1.99 0.12
C LYS A 16 -19.93 -3.12 0.91
N SER A 17 -18.65 -3.38 0.66
CA SER A 17 -17.95 -4.48 1.32
C SER A 17 -18.09 -4.42 2.83
N GLY A 18 -18.67 -5.46 3.41
CA GLY A 18 -18.87 -5.54 4.85
C GLY A 18 -20.12 -4.80 5.31
N GLN A 19 -20.95 -4.42 4.35
CA GLN A 19 -22.19 -3.72 4.65
C GLN A 19 -23.40 -4.39 4.00
N GLY A 20 -23.17 -5.57 3.42
CA GLY A 20 -24.25 -6.38 2.88
C GLY A 20 -24.76 -5.96 1.52
N TYR A 21 -25.67 -6.76 0.97
CA TYR A 21 -26.29 -6.48 -0.32
C TYR A 21 -27.73 -6.05 -0.13
N TYR A 22 -28.11 -4.96 -0.79
CA TYR A 22 -29.48 -4.47 -0.71
C TYR A 22 -30.16 -4.43 -2.08
N VAL A 23 -31.47 -4.61 -2.08
CA VAL A 23 -32.26 -4.55 -3.29
C VAL A 23 -33.31 -3.44 -3.19
N GLU A 24 -33.68 -2.86 -4.32
CA GLU A 24 -34.65 -1.76 -4.34
C GLU A 24 -36.09 -2.30 -4.31
N MET A 25 -36.85 -1.89 -3.30
CA MET A 25 -38.24 -2.31 -3.17
C MET A 25 -39.14 -1.09 -2.94
N THR A 26 -40.29 -1.07 -3.62
CA THR A 26 -41.25 0.00 -3.44
C THR A 26 -42.35 -0.39 -2.46
N VAL A 27 -42.57 0.44 -1.45
CA VAL A 27 -43.54 0.15 -0.40
C VAL A 27 -44.58 1.27 -0.26
N GLY A 28 -45.85 0.89 -0.24
CA GLY A 28 -46.92 1.84 0.01
C GLY A 28 -47.56 2.43 -1.22
N SER A 29 -48.54 3.31 -1.01
CA SER A 29 -49.23 3.98 -2.10
C SER A 29 -49.38 5.46 -1.78
N PRO A 30 -48.73 6.33 -2.56
CA PRO A 30 -47.88 5.98 -3.72
C PRO A 30 -46.64 5.20 -3.30
N PRO A 31 -45.97 4.56 -4.27
CA PRO A 31 -44.83 3.68 -3.98
C PRO A 31 -43.60 4.43 -3.47
N GLN A 32 -43.26 4.19 -2.20
CA GLN A 32 -42.03 4.73 -1.64
C GLN A 32 -40.87 3.80 -1.98
N THR A 33 -39.89 4.31 -2.69
CA THR A 33 -38.75 3.51 -3.12
C THR A 33 -37.67 3.45 -2.05
N LEU A 34 -37.33 2.25 -1.61
CA LEU A 34 -36.34 2.07 -0.54
C LEU A 34 -35.34 0.96 -0.87
N ASN A 35 -34.13 1.08 -0.34
CA ASN A 35 -33.12 0.05 -0.48
C ASN A 35 -33.12 -0.88 0.74
N ILE A 36 -33.44 -2.15 0.53
CA ILE A 36 -33.55 -3.11 1.62
C ILE A 36 -32.49 -4.21 1.52
N LEU A 37 -31.80 -4.46 2.62
CA LEU A 37 -30.76 -5.48 2.67
C LEU A 37 -31.33 -6.89 2.57
N VAL A 38 -30.69 -7.72 1.76
CA VAL A 38 -31.11 -9.11 1.60
C VAL A 38 -30.58 -9.96 2.76
N ASP A 39 -31.48 -10.37 3.65
CA ASP A 39 -31.09 -11.13 4.83
C ASP A 39 -31.77 -12.49 4.89
N THR A 40 -31.02 -13.53 4.57
CA THR A 40 -31.55 -14.89 4.62
C THR A 40 -31.45 -15.45 6.03
N GLY A 41 -30.78 -14.72 6.91
CA GLY A 41 -30.58 -15.16 8.29
C GLY A 41 -31.69 -14.75 9.22
N SER A 42 -32.74 -14.16 8.65
CA SER A 42 -33.91 -13.74 9.42
C SER A 42 -35.18 -13.89 8.59
N SER A 43 -36.33 -13.56 9.17
CA SER A 43 -37.60 -13.77 8.50
C SER A 43 -38.47 -12.52 8.49
N ASN A 44 -38.04 -11.48 9.21
CA ASN A 44 -38.83 -10.26 9.33
C ASN A 44 -38.50 -9.20 8.29
N PHE A 45 -39.53 -8.54 7.77
CA PHE A 45 -39.36 -7.43 6.85
C PHE A 45 -39.58 -6.12 7.59
N ALA A 46 -38.49 -5.41 7.87
CA ALA A 46 -38.55 -4.17 8.63
C ALA A 46 -37.82 -3.04 7.92
N VAL A 47 -38.28 -1.82 8.14
CA VAL A 47 -37.66 -0.65 7.54
C VAL A 47 -37.64 0.51 8.53
N GLY A 48 -36.62 1.35 8.45
CA GLY A 48 -36.56 2.55 9.27
C GLY A 48 -37.80 3.41 9.04
N ALA A 49 -38.38 3.90 10.13
CA ALA A 49 -39.65 4.63 10.05
C ALA A 49 -39.49 6.13 10.21
N ALA A 50 -38.31 6.57 10.62
CA ALA A 50 -38.07 7.98 10.88
C ALA A 50 -36.66 8.40 10.48
N PRO A 51 -36.44 9.71 10.33
CA PRO A 51 -35.11 10.25 9.99
C PRO A 51 -34.02 9.74 10.94
N HIS A 52 -32.88 9.38 10.36
CA HIS A 52 -31.74 8.90 11.11
C HIS A 52 -30.53 9.67 10.62
N PRO A 53 -29.42 9.65 11.37
CA PRO A 53 -28.20 10.24 10.82
C PRO A 53 -27.55 9.31 9.80
N PHE A 54 -27.80 8.01 9.93
CA PHE A 54 -27.13 7.00 9.11
C PHE A 54 -27.91 6.61 7.87
N LEU A 55 -29.09 7.18 7.69
CA LEU A 55 -29.97 6.76 6.59
C LEU A 55 -30.33 7.91 5.65
N HIS A 56 -30.39 7.61 4.36
CA HIS A 56 -30.75 8.59 3.34
C HIS A 56 -32.26 8.79 3.27
N ARG A 57 -33.00 7.72 3.53
CA ARG A 57 -34.46 7.77 3.47
C ARG A 57 -35.09 6.83 4.50
N TYR A 58 -36.42 6.80 4.52
CA TYR A 58 -37.15 5.93 5.44
C TYR A 58 -38.59 5.74 4.97
N TYR A 59 -39.33 4.90 5.70
CA TYR A 59 -40.70 4.57 5.34
C TYR A 59 -41.72 5.44 6.07
N GLN A 60 -42.30 6.39 5.34
CA GLN A 60 -43.32 7.27 5.90
C GLN A 60 -44.70 6.62 5.85
N ARG A 61 -45.10 6.00 6.96
CA ARG A 61 -46.38 5.30 7.02
C ARG A 61 -47.57 6.17 6.65
N GLN A 62 -47.59 7.39 7.17
CA GLN A 62 -48.71 8.31 6.92
C GLN A 62 -48.75 8.77 5.46
N LEU A 63 -47.70 8.44 4.71
CA LEU A 63 -47.64 8.77 3.29
C LEU A 63 -48.32 7.69 2.46
N SER A 64 -48.60 6.55 3.09
CA SER A 64 -49.18 5.41 2.40
C SER A 64 -50.66 5.22 2.74
N SER A 65 -51.53 5.48 1.78
CA SER A 65 -52.97 5.33 1.97
C SER A 65 -53.35 3.86 2.14
N THR A 66 -52.48 2.96 1.67
CA THR A 66 -52.75 1.53 1.75
C THR A 66 -52.17 0.89 3.01
N TYR A 67 -51.39 1.66 3.76
CA TYR A 67 -50.79 1.16 5.00
C TYR A 67 -51.85 0.92 6.08
N ARG A 68 -51.67 -0.15 6.84
CA ARG A 68 -52.55 -0.43 7.97
C ARG A 68 -51.77 -0.88 9.19
N ASP A 69 -52.04 -0.23 10.32
CA ASP A 69 -51.34 -0.52 11.56
C ASP A 69 -51.95 -1.74 12.26
N LEU A 70 -51.10 -2.63 12.74
CA LEU A 70 -51.54 -3.81 13.49
C LEU A 70 -51.63 -3.46 14.97
N ARG A 71 -51.28 -2.21 15.30
CA ARG A 71 -51.19 -1.76 16.69
C ARG A 71 -50.57 -2.80 17.63
N LYS A 72 -49.50 -3.45 17.15
CA LYS A 72 -48.71 -4.36 17.96
C LYS A 72 -47.23 -4.15 17.65
N GLY A 73 -46.40 -4.26 18.66
CA GLY A 73 -44.97 -4.01 18.50
C GLY A 73 -44.14 -5.27 18.36
N VAL A 74 -42.90 -5.09 17.92
CA VAL A 74 -41.96 -6.21 17.78
C VAL A 74 -40.56 -5.76 18.20
N TYR A 75 -39.79 -6.71 18.70
CA TYR A 75 -38.46 -6.42 19.26
C TYR A 75 -37.50 -7.56 19.00
N VAL A 76 -36.32 -7.24 18.45
CA VAL A 76 -35.40 -8.28 17.99
C VAL A 76 -33.96 -8.09 18.47
N PRO A 77 -33.58 -8.84 19.52
CA PRO A 77 -32.17 -8.93 19.94
C PRO A 77 -31.34 -9.57 18.83
N TYR A 78 -30.04 -9.25 18.75
CA TYR A 78 -29.24 -9.64 17.61
C TYR A 78 -27.80 -10.03 17.94
N THR A 79 -27.10 -10.50 16.91
CA THR A 79 -25.66 -10.76 16.98
C THR A 79 -25.04 -10.53 15.61
N GLN A 80 -24.76 -9.27 15.28
CA GLN A 80 -25.03 -8.17 16.20
C GLN A 80 -25.78 -7.02 15.51
N GLY A 81 -26.52 -6.26 16.30
CA GLY A 81 -27.31 -5.15 15.80
C GLY A 81 -28.80 -5.35 16.02
N LYS A 82 -29.29 -4.91 17.17
CA LYS A 82 -30.70 -5.12 17.52
C LYS A 82 -31.62 -4.05 16.93
N TRP A 83 -32.91 -4.34 16.90
CA TRP A 83 -33.90 -3.39 16.40
C TRP A 83 -35.29 -3.73 16.93
N GLU A 84 -36.12 -2.71 17.09
CA GLU A 84 -37.50 -2.90 17.51
C GLU A 84 -38.39 -1.89 16.77
N GLY A 85 -39.66 -2.21 16.65
CA GLY A 85 -40.58 -1.33 15.95
C GLY A 85 -42.04 -1.69 16.10
N GLU A 86 -42.89 -1.08 15.27
CA GLU A 86 -44.32 -1.31 15.32
C GLU A 86 -44.78 -2.03 14.05
N LEU A 87 -45.58 -3.07 14.24
CA LEU A 87 -46.02 -3.91 13.13
C LEU A 87 -47.15 -3.30 12.33
N GLY A 88 -47.36 -3.83 11.13
CA GLY A 88 -48.40 -3.35 10.23
C GLY A 88 -48.30 -4.04 8.90
N THR A 89 -49.14 -3.61 7.95
CA THR A 89 -49.13 -4.19 6.61
C THR A 89 -49.25 -3.11 5.54
N ASP A 90 -48.78 -3.42 4.33
CA ASP A 90 -48.80 -2.46 3.23
C ASP A 90 -48.29 -3.11 1.95
N LEU A 91 -48.73 -2.59 0.81
CA LEU A 91 -48.34 -3.15 -0.48
C LEU A 91 -46.83 -3.09 -0.70
N VAL A 92 -46.26 -4.18 -1.19
CA VAL A 92 -44.83 -4.25 -1.45
C VAL A 92 -44.57 -4.74 -2.87
N SER A 93 -43.53 -4.20 -3.50
CA SER A 93 -43.18 -4.59 -4.86
C SER A 93 -41.68 -4.45 -5.09
N ILE A 94 -41.14 -5.31 -5.96
CA ILE A 94 -39.72 -5.26 -6.29
C ILE A 94 -39.51 -4.78 -7.73
N PRO A 95 -39.21 -3.49 -7.88
CA PRO A 95 -39.02 -2.83 -9.17
C PRO A 95 -38.21 -3.67 -10.15
N HIS A 96 -37.01 -4.05 -9.76
CA HIS A 96 -36.13 -4.83 -10.63
C HIS A 96 -36.24 -6.32 -10.32
N GLY A 97 -37.47 -6.81 -10.35
CA GLY A 97 -37.74 -8.21 -10.09
C GLY A 97 -39.03 -8.66 -10.75
N PRO A 98 -39.82 -9.49 -10.06
CA PRO A 98 -41.09 -9.97 -10.60
C PRO A 98 -42.09 -8.82 -10.74
N ASN A 99 -42.85 -8.82 -11.83
CA ASN A 99 -43.88 -7.82 -12.01
C ASN A 99 -45.14 -8.19 -11.22
N VAL A 100 -44.99 -8.25 -9.90
CA VAL A 100 -46.09 -8.64 -9.02
C VAL A 100 -46.17 -7.72 -7.81
N THR A 101 -47.35 -7.65 -7.21
CA THR A 101 -47.55 -6.85 -6.01
C THR A 101 -48.08 -7.74 -4.88
N VAL A 102 -47.55 -7.53 -3.68
CA VAL A 102 -47.93 -8.33 -2.52
C VAL A 102 -48.22 -7.44 -1.32
N ARG A 103 -49.28 -7.76 -0.58
CA ARG A 103 -49.52 -7.13 0.71
C ARG A 103 -48.87 -7.96 1.80
N ALA A 104 -47.72 -7.49 2.29
CA ALA A 104 -46.95 -8.24 3.27
C ALA A 104 -46.87 -7.48 4.59
N ASN A 105 -46.43 -8.19 5.63
CA ASN A 105 -46.18 -7.58 6.93
C ASN A 105 -44.97 -6.66 6.84
N ILE A 106 -44.95 -5.62 7.68
CA ILE A 106 -43.83 -4.69 7.69
C ILE A 106 -43.63 -4.08 9.07
N ALA A 107 -42.41 -4.18 9.59
CA ALA A 107 -42.11 -3.63 10.91
C ALA A 107 -41.42 -2.27 10.78
N ALA A 108 -42.15 -1.21 11.14
CA ALA A 108 -41.56 0.12 11.16
C ALA A 108 -40.59 0.24 12.32
N ILE A 109 -39.31 0.32 12.00
CA ILE A 109 -38.26 0.40 13.02
C ILE A 109 -38.21 1.78 13.65
N THR A 110 -38.46 1.83 14.95
CA THR A 110 -38.48 3.09 15.68
C THR A 110 -37.26 3.24 16.58
N GLU A 111 -36.48 2.17 16.69
CA GLU A 111 -35.31 2.17 17.56
C GLU A 111 -34.39 1.00 17.20
N SER A 112 -33.08 1.19 17.37
CA SER A 112 -32.11 0.15 17.05
C SER A 112 -30.73 0.47 17.62
N ASP A 113 -29.89 -0.55 17.73
CA ASP A 113 -28.54 -0.36 18.24
C ASP A 113 -27.54 -1.14 17.38
N LYS A 114 -26.52 -0.43 16.89
CA LYS A 114 -25.56 -1.01 15.96
C LYS A 114 -26.24 -1.90 14.92
N PHE A 115 -27.41 -1.47 14.49
CA PHE A 115 -28.18 -2.20 13.49
C PHE A 115 -27.91 -1.60 12.12
N PHE A 116 -28.39 -0.38 11.89
CA PHE A 116 -28.11 0.33 10.66
C PHE A 116 -26.61 0.65 10.57
N ILE A 117 -26.14 0.94 9.36
CA ILE A 117 -24.73 1.23 9.14
C ILE A 117 -24.54 2.58 8.48
N ASN A 118 -23.69 3.41 9.09
CA ASN A 118 -23.47 4.78 8.64
C ASN A 118 -23.16 4.88 7.15
N GLY A 119 -24.17 5.23 6.37
CA GLY A 119 -24.01 5.41 4.93
C GLY A 119 -23.85 4.13 4.15
N SER A 120 -24.74 3.17 4.40
CA SER A 120 -24.71 1.90 3.66
C SER A 120 -25.78 1.87 2.59
N ASN A 121 -26.52 2.98 2.47
CA ASN A 121 -27.52 3.17 1.42
C ASN A 121 -28.66 2.16 1.44
N TRP A 122 -28.89 1.51 2.59
CA TRP A 122 -30.07 0.69 2.77
C TRP A 122 -30.76 1.00 4.09
N GLU A 123 -32.10 1.03 4.06
CA GLU A 123 -32.88 1.48 5.21
C GLU A 123 -33.76 0.39 5.78
N GLY A 124 -33.85 -0.74 5.06
CA GLY A 124 -34.70 -1.83 5.50
C GLY A 124 -34.01 -3.18 5.41
N ILE A 125 -34.67 -4.20 5.94
CA ILE A 125 -34.14 -5.56 5.93
C ILE A 125 -35.20 -6.54 5.43
N LEU A 126 -34.77 -7.50 4.62
CA LEU A 126 -35.70 -8.47 4.04
C LEU A 126 -35.40 -9.88 4.52
N GLY A 127 -36.01 -10.28 5.62
CA GLY A 127 -35.83 -11.63 6.15
C GLY A 127 -36.43 -12.68 5.23
N LEU A 128 -35.57 -13.45 4.60
CA LEU A 128 -36.00 -14.46 3.63
C LEU A 128 -36.13 -15.85 4.23
N ALA A 129 -35.75 -15.98 5.51
CA ALA A 129 -35.83 -17.27 6.20
C ALA A 129 -37.27 -17.66 6.51
N TYR A 130 -37.44 -18.72 7.30
CA TYR A 130 -38.76 -19.27 7.56
C TYR A 130 -39.42 -18.72 8.82
N ALA A 131 -40.74 -18.82 8.87
CA ALA A 131 -41.56 -18.18 9.92
C ALA A 131 -41.23 -18.62 11.34
N GLU A 132 -40.65 -19.81 11.48
CA GLU A 132 -40.35 -20.34 12.81
C GLU A 132 -39.44 -19.41 13.61
N ILE A 133 -38.63 -18.62 12.90
CA ILE A 133 -37.73 -17.69 13.55
C ILE A 133 -38.17 -16.24 13.34
N ALA A 134 -39.42 -16.06 12.91
CA ALA A 134 -39.98 -14.74 12.71
C ALA A 134 -40.55 -14.19 14.01
N ARG A 135 -40.13 -12.98 14.38
CA ARG A 135 -40.64 -12.34 15.60
C ARG A 135 -41.87 -11.51 15.28
N PRO A 136 -42.79 -11.38 16.26
CA PRO A 136 -42.73 -11.97 17.59
C PRO A 136 -42.80 -13.50 17.56
N ASP A 137 -43.60 -14.05 16.65
CA ASP A 137 -43.71 -15.50 16.52
C ASP A 137 -44.12 -15.94 15.12
N ASP A 138 -44.29 -17.24 14.95
CA ASP A 138 -44.55 -17.83 13.64
C ASP A 138 -45.78 -17.27 12.93
N SER A 139 -46.71 -16.72 13.69
CA SER A 139 -47.97 -16.22 13.12
C SER A 139 -47.71 -15.13 12.07
N LEU A 140 -46.62 -14.39 12.24
CA LEU A 140 -46.29 -13.31 11.31
C LEU A 140 -45.72 -13.88 10.01
N GLU A 141 -46.49 -13.78 8.93
CA GLU A 141 -46.10 -14.36 7.66
C GLU A 141 -44.95 -13.61 6.99
N PRO A 142 -43.81 -14.29 6.81
CA PRO A 142 -42.64 -13.72 6.14
C PRO A 142 -42.97 -13.27 4.72
N PHE A 143 -42.27 -12.24 4.26
CA PHE A 143 -42.49 -11.67 2.93
C PHE A 143 -42.55 -12.73 1.82
N PHE A 144 -41.55 -13.61 1.78
CA PHE A 144 -41.46 -14.59 0.70
C PHE A 144 -42.58 -15.62 0.80
N ASP A 145 -43.06 -15.84 2.01
CA ASP A 145 -44.20 -16.74 2.22
C ASP A 145 -45.47 -16.08 1.69
N SER A 146 -45.56 -14.76 1.87
CA SER A 146 -46.66 -13.98 1.34
C SER A 146 -46.56 -13.93 -0.19
N LEU A 147 -45.33 -13.98 -0.68
CA LEU A 147 -45.05 -13.93 -2.11
C LEU A 147 -45.62 -15.16 -2.83
N VAL A 148 -45.18 -16.33 -2.40
CA VAL A 148 -45.57 -17.58 -3.04
C VAL A 148 -47.04 -17.93 -2.81
N LYS A 149 -47.58 -17.50 -1.67
CA LYS A 149 -48.96 -17.81 -1.33
C LYS A 149 -49.95 -16.96 -2.11
N GLN A 150 -49.50 -15.83 -2.63
CA GLN A 150 -50.40 -14.88 -3.29
C GLN A 150 -50.10 -14.67 -4.77
N THR A 151 -48.97 -15.22 -5.22
CA THR A 151 -48.60 -15.10 -6.63
C THR A 151 -48.17 -16.45 -7.20
N HIS A 152 -47.89 -16.47 -8.50
CA HIS A 152 -47.46 -17.69 -9.16
C HIS A 152 -45.94 -17.76 -9.27
N VAL A 153 -45.25 -17.18 -8.30
CA VAL A 153 -43.80 -17.26 -8.25
C VAL A 153 -43.36 -18.58 -7.63
N PRO A 154 -42.61 -19.39 -8.39
CA PRO A 154 -42.11 -20.67 -7.88
C PRO A 154 -41.44 -20.49 -6.53
N ASN A 155 -41.66 -21.44 -5.62
CA ASN A 155 -41.07 -21.36 -4.28
C ASN A 155 -39.55 -21.56 -4.32
N LEU A 156 -38.84 -20.53 -4.76
CA LEU A 156 -37.40 -20.62 -4.95
C LEU A 156 -36.79 -19.25 -5.23
N PHE A 157 -35.59 -19.03 -4.72
CA PHE A 157 -34.85 -17.81 -5.02
C PHE A 157 -33.34 -18.05 -4.92
N SER A 158 -32.60 -17.53 -5.87
CA SER A 158 -31.14 -17.70 -5.88
C SER A 158 -30.45 -16.35 -5.79
N LEU A 159 -29.20 -16.37 -5.32
CA LEU A 159 -28.43 -15.15 -5.14
C LEU A 159 -27.06 -15.26 -5.80
N GLN A 160 -26.57 -14.15 -6.32
CA GLN A 160 -25.23 -14.08 -6.88
C GLN A 160 -24.50 -12.84 -6.36
N LEU A 161 -23.94 -12.94 -5.17
CA LEU A 161 -23.14 -11.86 -4.61
C LEU A 161 -21.78 -11.89 -5.29
N CYS A 162 -21.30 -10.73 -5.72
CA CYS A 162 -20.08 -10.68 -6.55
C CYS A 162 -18.90 -9.98 -5.88
N GLY A 163 -19.18 -8.98 -5.05
CA GLY A 163 -18.13 -8.25 -4.37
C GLY A 163 -17.29 -7.40 -5.31
N ALA A 164 -16.02 -7.24 -4.98
CA ALA A 164 -15.09 -6.46 -5.81
C ALA A 164 -15.65 -5.07 -6.12
N LEU A 174 -14.74 2.00 2.16
CA LEU A 174 -15.76 1.07 1.67
C LEU A 174 -15.72 0.98 0.16
N ALA A 175 -15.62 -0.23 -0.37
CA ALA A 175 -15.62 -0.45 -1.81
C ALA A 175 -16.97 -0.99 -2.26
N SER A 176 -17.46 -0.46 -3.38
CA SER A 176 -18.78 -0.81 -3.89
C SER A 176 -18.82 -2.21 -4.53
N VAL A 177 -20.00 -2.81 -4.53
CA VAL A 177 -20.18 -4.15 -5.09
C VAL A 177 -21.53 -4.27 -5.79
N GLY A 178 -21.73 -5.40 -6.47
CA GLY A 178 -22.98 -5.66 -7.16
C GLY A 178 -23.31 -7.15 -7.17
N GLY A 179 -24.51 -7.49 -7.60
CA GLY A 179 -24.94 -8.89 -7.65
C GLY A 179 -26.32 -9.08 -8.23
N SER A 180 -26.82 -10.31 -8.14
CA SER A 180 -28.13 -10.66 -8.68
C SER A 180 -28.97 -11.47 -7.70
N MET A 181 -30.25 -11.13 -7.60
CA MET A 181 -31.19 -11.91 -6.80
C MET A 181 -32.34 -12.37 -7.68
N ILE A 182 -32.31 -13.66 -8.05
CA ILE A 182 -33.35 -14.22 -8.91
C ILE A 182 -34.53 -14.72 -8.10
N ILE A 183 -35.66 -14.03 -8.19
CA ILE A 183 -36.86 -14.43 -7.48
C ILE A 183 -37.72 -15.36 -8.33
N GLY A 184 -37.74 -16.64 -7.95
CA GLY A 184 -38.60 -17.61 -8.62
C GLY A 184 -37.91 -18.57 -9.56
N GLY A 185 -36.71 -18.21 -10.02
CA GLY A 185 -36.04 -19.02 -11.02
C GLY A 185 -34.54 -19.17 -10.89
N ILE A 186 -33.94 -19.83 -11.88
CA ILE A 186 -32.50 -20.05 -11.91
C ILE A 186 -31.90 -19.54 -13.22
N ASP A 187 -31.22 -18.40 -13.14
CA ASP A 187 -30.61 -17.79 -14.32
C ASP A 187 -29.34 -18.53 -14.71
N HIS A 188 -29.34 -19.10 -15.92
CA HIS A 188 -28.25 -19.99 -16.35
C HIS A 188 -27.09 -19.27 -17.03
N SER A 189 -27.03 -17.95 -16.85
CA SER A 189 -25.89 -17.18 -17.36
C SER A 189 -25.11 -16.63 -16.17
N LEU A 190 -25.58 -16.96 -14.97
CA LEU A 190 -24.95 -16.48 -13.74
C LEU A 190 -23.99 -17.51 -13.15
N TYR A 191 -23.89 -18.68 -13.77
CA TYR A 191 -22.99 -19.70 -13.26
C TYR A 191 -22.57 -20.73 -14.30
N THR A 192 -21.49 -21.43 -14.01
CA THR A 192 -21.00 -22.50 -14.87
C THR A 192 -20.95 -23.81 -14.11
N GLY A 193 -20.90 -24.92 -14.84
CA GLY A 193 -20.89 -26.24 -14.24
C GLY A 193 -22.26 -26.64 -13.73
N SER A 194 -22.31 -27.16 -12.51
CA SER A 194 -23.57 -27.63 -11.94
C SER A 194 -23.81 -27.13 -10.52
N LEU A 195 -25.05 -27.26 -10.07
CA LEU A 195 -25.43 -26.85 -8.72
C LEU A 195 -25.43 -28.04 -7.78
N TRP A 196 -24.55 -27.98 -6.78
CA TRP A 196 -24.45 -29.04 -5.79
C TRP A 196 -25.33 -28.73 -4.58
N TYR A 197 -26.37 -29.53 -4.39
CA TYR A 197 -27.37 -29.25 -3.36
C TYR A 197 -27.05 -29.95 -2.03
N THR A 198 -27.19 -29.19 -0.95
CA THR A 198 -27.12 -29.73 0.40
C THR A 198 -28.48 -29.57 1.07
N PRO A 199 -28.97 -30.64 1.71
CA PRO A 199 -30.32 -30.64 2.30
C PRO A 199 -30.49 -29.55 3.36
N ILE A 200 -31.63 -28.85 3.32
CA ILE A 200 -31.99 -27.95 4.39
C ILE A 200 -32.45 -28.79 5.57
N ARG A 201 -31.58 -28.91 6.58
CA ARG A 201 -31.88 -29.79 7.71
C ARG A 201 -33.23 -29.46 8.33
N ARG A 202 -33.54 -28.18 8.41
CA ARG A 202 -34.79 -27.73 9.02
C ARG A 202 -35.17 -26.34 8.53
N GLU A 203 -36.47 -26.11 8.38
CA GLU A 203 -36.96 -24.85 7.84
C GLU A 203 -37.29 -23.80 8.90
N TRP A 204 -36.24 -23.25 9.50
CA TRP A 204 -36.37 -22.07 10.34
C TRP A 204 -35.36 -21.03 9.86
N TYR A 205 -34.09 -21.30 10.12
CA TYR A 205 -33.02 -20.66 9.38
C TYR A 205 -32.82 -21.53 8.16
N TYR A 206 -32.00 -21.08 7.21
CA TYR A 206 -31.60 -21.97 6.12
C TYR A 206 -30.48 -22.86 6.64
N GLU A 207 -30.83 -23.75 7.56
CA GLU A 207 -29.85 -24.57 8.26
C GLU A 207 -29.37 -25.74 7.40
N VAL A 208 -28.08 -26.01 7.48
CA VAL A 208 -27.48 -27.13 6.76
C VAL A 208 -26.53 -27.89 7.67
N ILE A 209 -25.73 -28.79 7.09
CA ILE A 209 -24.78 -29.57 7.86
C ILE A 209 -23.40 -29.59 7.20
N ILE A 210 -22.43 -28.98 7.86
CA ILE A 210 -21.05 -29.02 7.41
C ILE A 210 -20.40 -30.29 7.95
N VAL A 211 -19.95 -31.15 7.05
CA VAL A 211 -19.43 -32.46 7.44
C VAL A 211 -17.92 -32.49 7.61
N ARG A 212 -17.23 -31.52 7.02
CA ARG A 212 -15.77 -31.52 7.03
C ARG A 212 -15.19 -30.15 6.70
N VAL A 213 -14.16 -29.74 7.43
CA VAL A 213 -13.49 -28.47 7.20
C VAL A 213 -12.02 -28.69 6.91
N GLU A 214 -11.46 -27.90 6.00
CA GLU A 214 -10.05 -28.05 5.62
C GLU A 214 -9.35 -26.73 5.35
N ILE A 215 -8.06 -26.69 5.64
CA ILE A 215 -7.21 -25.55 5.30
C ILE A 215 -6.08 -26.01 4.41
N ASN A 216 -5.99 -25.45 3.21
CA ASN A 216 -5.01 -25.87 2.22
C ASN A 216 -4.99 -27.38 2.06
N GLY A 217 -6.18 -27.98 2.02
CA GLY A 217 -6.31 -29.41 1.83
C GLY A 217 -6.27 -30.19 3.13
N GLN A 218 -5.55 -29.65 4.12
CA GLN A 218 -5.38 -30.33 5.40
C GLN A 218 -6.66 -30.34 6.22
N ASP A 219 -7.06 -31.52 6.68
CA ASP A 219 -8.25 -31.67 7.51
C ASP A 219 -8.06 -30.98 8.85
N LEU A 220 -9.13 -30.40 9.38
CA LEU A 220 -9.06 -29.70 10.67
C LEU A 220 -9.06 -30.69 11.83
N LYS A 221 -9.44 -31.93 11.54
CA LYS A 221 -9.40 -33.01 12.52
C LYS A 221 -10.26 -32.75 13.76
N MET A 222 -11.40 -32.09 13.56
CA MET A 222 -12.36 -31.91 14.64
C MET A 222 -13.61 -32.74 14.38
N ASP A 223 -14.30 -33.12 15.45
CA ASP A 223 -15.50 -33.94 15.33
C ASP A 223 -16.51 -33.27 14.40
N CYS A 224 -17.35 -34.10 13.77
CA CYS A 224 -18.29 -33.61 12.77
C CYS A 224 -19.25 -32.58 13.35
N LYS A 225 -19.79 -32.86 14.53
CA LYS A 225 -20.78 -31.96 15.12
C LYS A 225 -20.14 -30.87 15.97
N GLU A 226 -18.86 -30.59 15.72
CA GLU A 226 -18.20 -29.42 16.28
C GLU A 226 -18.43 -28.25 15.35
N TYR A 227 -18.65 -28.57 14.07
CA TYR A 227 -18.90 -27.57 13.04
C TYR A 227 -20.35 -27.10 13.08
N ASN A 228 -21.24 -27.98 13.53
CA ASN A 228 -22.67 -27.68 13.54
C ASN A 228 -23.23 -27.58 14.95
N TYR A 229 -22.57 -26.78 15.78
CA TYR A 229 -22.94 -26.64 17.18
C TYR A 229 -23.09 -25.17 17.55
N ASP A 230 -24.31 -24.74 17.82
CA ASP A 230 -25.47 -25.62 17.84
C ASP A 230 -26.13 -25.80 16.48
N LYS A 231 -25.56 -25.17 15.45
CA LYS A 231 -26.11 -25.25 14.10
C LYS A 231 -25.23 -24.52 13.08
N SER A 232 -25.48 -24.81 11.81
CA SER A 232 -24.85 -24.11 10.70
C SER A 232 -25.92 -23.51 9.81
N ILE A 233 -25.77 -22.23 9.47
CA ILE A 233 -26.77 -21.55 8.63
C ILE A 233 -26.12 -20.83 7.46
N VAL A 234 -26.93 -20.57 6.43
CA VAL A 234 -26.49 -19.77 5.29
C VAL A 234 -27.12 -18.39 5.39
N ASP A 235 -26.33 -17.40 5.82
CA ASP A 235 -26.87 -16.08 6.13
C ASP A 235 -26.24 -14.98 5.27
N SER A 236 -26.99 -14.53 4.27
CA SER A 236 -26.56 -13.45 3.41
C SER A 236 -26.49 -12.14 4.19
N GLY A 237 -27.28 -12.07 5.26
CA GLY A 237 -27.34 -10.88 6.09
C GLY A 237 -26.16 -10.71 7.02
N THR A 238 -25.29 -11.71 7.06
CA THR A 238 -24.07 -11.62 7.86
C THR A 238 -22.85 -11.56 6.94
N THR A 239 -21.95 -10.63 7.23
CA THR A 239 -20.74 -10.47 6.42
C THR A 239 -19.75 -11.60 6.68
N ASN A 240 -19.35 -11.74 7.93
CA ASN A 240 -18.30 -12.68 8.32
C ASN A 240 -18.68 -14.16 8.21
N LEU A 241 -17.66 -15.01 8.25
CA LEU A 241 -17.82 -16.45 8.35
C LEU A 241 -17.64 -16.85 9.81
N ARG A 242 -18.74 -16.94 10.55
CA ARG A 242 -18.68 -17.17 11.98
C ARG A 242 -18.48 -18.64 12.33
N LEU A 243 -17.53 -18.91 13.22
CA LEU A 243 -17.26 -20.28 13.65
C LEU A 243 -17.43 -20.42 15.17
N PRO A 244 -17.95 -21.57 15.61
CA PRO A 244 -18.07 -21.86 17.04
C PRO A 244 -16.72 -21.79 17.72
N LYS A 245 -16.70 -21.42 18.99
CA LYS A 245 -15.46 -21.20 19.74
C LYS A 245 -14.34 -22.17 19.35
N LYS A 246 -14.54 -23.45 19.65
CA LYS A 246 -13.54 -24.48 19.36
C LYS A 246 -13.05 -24.43 17.92
N VAL A 247 -13.98 -24.47 16.97
CA VAL A 247 -13.64 -24.51 15.55
C VAL A 247 -12.88 -23.26 15.12
N PHE A 248 -13.32 -22.09 15.58
CA PHE A 248 -12.64 -20.84 15.27
C PHE A 248 -11.23 -20.87 15.83
N GLU A 249 -11.09 -21.37 17.06
CA GLU A 249 -9.81 -21.42 17.73
C GLU A 249 -8.83 -22.28 16.94
N ALA A 250 -9.33 -23.38 16.38
CA ALA A 250 -8.49 -24.30 15.63
C ALA A 250 -8.18 -23.77 14.23
N ALA A 251 -9.19 -23.20 13.58
CA ALA A 251 -9.03 -22.67 12.23
C ALA A 251 -7.94 -21.61 12.18
N VAL A 252 -8.03 -20.61 13.05
CA VAL A 252 -7.04 -19.53 13.09
C VAL A 252 -5.65 -20.06 13.38
N LYS A 253 -5.57 -21.10 14.20
CA LYS A 253 -4.30 -21.74 14.50
C LYS A 253 -3.71 -22.37 13.25
N SER A 254 -4.51 -23.22 12.61
CA SER A 254 -4.08 -23.89 11.39
C SER A 254 -3.74 -22.89 10.30
N ILE A 255 -4.53 -21.82 10.21
CA ILE A 255 -4.29 -20.78 9.23
C ILE A 255 -2.93 -20.13 9.45
N LYS A 256 -2.70 -19.66 10.69
CA LYS A 256 -1.41 -19.10 11.05
C LYS A 256 -0.27 -20.01 10.59
N ALA A 257 -0.39 -21.29 10.92
CA ALA A 257 0.65 -22.27 10.66
C ALA A 257 0.96 -22.44 9.17
N ALA A 258 0.02 -22.06 8.31
CA ALA A 258 0.16 -22.31 6.88
C ALA A 258 0.02 -21.04 6.05
N SER A 259 0.41 -19.90 6.60
CA SER A 259 0.23 -18.64 5.89
C SER A 259 1.42 -17.69 5.95
N SER A 260 2.43 -18.03 6.73
CA SER A 260 3.57 -17.13 6.89
C SER A 260 3.07 -15.74 7.26
N THR A 261 2.56 -15.62 8.48
CA THR A 261 1.90 -14.40 8.90
C THR A 261 2.20 -14.12 10.36
N GLU A 262 3.46 -14.25 10.74
CA GLU A 262 3.87 -14.18 12.13
C GLU A 262 4.00 -12.74 12.63
N LYS A 263 3.88 -11.79 11.72
CA LYS A 263 4.11 -10.38 12.06
C LYS A 263 2.83 -9.58 12.18
N PHE A 264 1.72 -10.17 11.76
CA PHE A 264 0.42 -9.53 11.86
C PHE A 264 0.04 -9.28 13.30
N PRO A 265 -0.65 -8.17 13.55
CA PRO A 265 -1.09 -7.86 14.91
C PRO A 265 -2.12 -8.88 15.35
N ASP A 266 -2.24 -9.11 16.64
CA ASP A 266 -3.19 -10.11 17.13
C ASP A 266 -4.63 -9.65 16.95
N GLY A 267 -4.85 -8.34 17.03
CA GLY A 267 -6.18 -7.78 16.83
C GLY A 267 -6.75 -8.16 15.49
N PHE A 268 -5.86 -8.33 14.51
CA PHE A 268 -6.28 -8.76 13.17
C PHE A 268 -7.09 -10.04 13.22
N TRP A 269 -6.59 -11.03 13.97
CA TRP A 269 -7.26 -12.32 14.06
C TRP A 269 -8.55 -12.23 14.85
N LEU A 270 -8.68 -11.17 15.65
CA LEU A 270 -9.89 -10.93 16.41
C LEU A 270 -10.86 -10.08 15.59
N GLY A 271 -10.38 -9.54 14.49
CA GLY A 271 -11.19 -8.70 13.63
C GLY A 271 -11.42 -7.32 14.20
N GLU A 272 -10.34 -6.69 14.66
CA GLU A 272 -10.43 -5.37 15.25
C GLU A 272 -9.41 -4.44 14.63
N GLN A 273 -8.28 -5.01 14.23
CA GLN A 273 -7.20 -4.24 13.62
C GLN A 273 -6.99 -4.63 12.16
N LEU A 274 -6.92 -3.64 11.28
CA LEU A 274 -6.79 -3.90 9.84
C LEU A 274 -5.33 -4.11 9.42
N VAL A 275 -5.16 -4.63 8.20
CA VAL A 275 -3.84 -4.81 7.60
C VAL A 275 -3.89 -4.31 6.16
N CYS A 276 -2.88 -3.55 5.76
CA CYS A 276 -2.92 -2.86 4.47
C CYS A 276 -1.69 -3.11 3.61
N TRP A 277 -1.92 -3.16 2.31
CA TRP A 277 -0.84 -3.17 1.33
C TRP A 277 -1.15 -2.10 0.29
N GLN A 278 -0.19 -1.80 -0.57
CA GLN A 278 -0.42 -0.83 -1.62
C GLN A 278 -1.37 -1.41 -2.65
N ALA A 279 -2.38 -0.63 -3.03
CA ALA A 279 -3.42 -1.10 -3.95
C ALA A 279 -2.86 -1.96 -5.08
N GLY A 280 -3.42 -3.17 -5.22
CA GLY A 280 -2.97 -4.07 -6.27
C GLY A 280 -1.72 -4.85 -5.91
N THR A 281 -1.22 -4.68 -4.70
CA THR A 281 0.03 -5.31 -4.28
C THR A 281 -0.23 -6.37 -3.20
N THR A 282 -1.51 -6.54 -2.87
CA THR A 282 -1.92 -7.56 -1.90
C THR A 282 -1.39 -8.94 -2.27
N PRO A 283 -0.75 -9.64 -1.31
CA PRO A 283 -0.16 -10.97 -1.53
C PRO A 283 -1.12 -12.10 -1.15
N TRP A 284 -1.98 -12.49 -2.08
CA TRP A 284 -2.97 -13.52 -1.82
C TRP A 284 -2.31 -14.89 -1.61
N ASN A 285 -1.23 -15.14 -2.35
CA ASN A 285 -0.56 -16.44 -2.33
C ASN A 285 0.00 -16.84 -0.96
N ILE A 286 0.13 -15.89 -0.06
CA ILE A 286 0.65 -16.17 1.28
C ILE A 286 -0.47 -16.62 2.21
N PHE A 287 -1.69 -16.67 1.69
CA PHE A 287 -2.83 -17.12 2.48
C PHE A 287 -3.34 -18.46 1.97
N PRO A 288 -3.78 -19.33 2.89
CA PRO A 288 -4.29 -20.66 2.52
C PRO A 288 -5.70 -20.56 1.93
N VAL A 289 -6.17 -21.66 1.36
CA VAL A 289 -7.56 -21.73 0.90
C VAL A 289 -8.38 -22.48 1.94
N ILE A 290 -9.61 -22.05 2.14
CA ILE A 290 -10.49 -22.71 3.10
C ILE A 290 -11.56 -23.51 2.37
N SER A 291 -11.72 -24.76 2.77
CA SER A 291 -12.72 -25.62 2.17
C SER A 291 -13.74 -26.06 3.22
N LEU A 292 -15.01 -26.15 2.80
CA LEU A 292 -16.08 -26.54 3.69
C LEU A 292 -16.97 -27.58 3.02
N TYR A 293 -16.85 -28.83 3.47
CA TYR A 293 -17.64 -29.92 2.90
C TYR A 293 -19.05 -29.93 3.47
N LEU A 294 -20.04 -29.93 2.58
CA LEU A 294 -21.44 -29.93 2.98
C LEU A 294 -22.09 -31.28 2.68
N MET A 295 -23.04 -31.68 3.52
CA MET A 295 -23.76 -32.93 3.34
C MET A 295 -24.43 -32.97 1.96
N GLY A 296 -24.13 -34.01 1.19
CA GLY A 296 -24.68 -34.15 -0.14
C GLY A 296 -26.15 -34.55 -0.13
N GLU A 297 -26.73 -34.67 -1.31
CA GLU A 297 -28.12 -35.08 -1.43
C GLU A 297 -28.28 -36.60 -1.30
N VAL A 298 -27.35 -37.33 -1.91
CA VAL A 298 -27.39 -38.79 -1.84
C VAL A 298 -26.51 -39.29 -0.69
N THR A 299 -26.85 -40.46 -0.16
CA THR A 299 -26.21 -40.98 1.04
C THR A 299 -24.70 -41.16 0.89
N ASN A 300 -23.98 -40.89 1.98
CA ASN A 300 -22.53 -41.09 2.02
C ASN A 300 -21.72 -40.10 1.19
N GLN A 301 -22.40 -39.29 0.38
CA GLN A 301 -21.71 -38.34 -0.49
C GLN A 301 -21.75 -36.92 0.06
N SER A 302 -20.72 -36.15 -0.27
CA SER A 302 -20.64 -34.75 0.14
C SER A 302 -19.82 -33.96 -0.88
N PHE A 303 -20.13 -32.67 -0.99
CA PHE A 303 -19.36 -31.79 -1.87
C PHE A 303 -18.70 -30.71 -1.04
N ARG A 304 -17.67 -30.08 -1.60
CA ARG A 304 -16.94 -29.04 -0.88
C ARG A 304 -16.98 -27.71 -1.61
N ILE A 305 -16.89 -26.62 -0.85
CA ILE A 305 -16.75 -25.29 -1.42
C ILE A 305 -15.40 -24.71 -1.00
N THR A 306 -14.64 -24.20 -1.96
CA THR A 306 -13.31 -23.67 -1.68
C THR A 306 -13.24 -22.17 -1.91
N ILE A 307 -12.94 -21.44 -0.84
CA ILE A 307 -12.81 -19.99 -0.92
C ILE A 307 -11.35 -19.55 -0.76
N LEU A 308 -11.03 -18.39 -1.33
CA LEU A 308 -9.67 -17.86 -1.28
C LEU A 308 -9.60 -16.69 -0.30
N PRO A 309 -8.38 -16.19 -0.02
CA PRO A 309 -8.22 -14.99 0.79
C PRO A 309 -9.02 -13.82 0.24
N GLN A 310 -9.19 -13.77 -1.08
CA GLN A 310 -10.01 -12.72 -1.70
C GLN A 310 -11.43 -12.74 -1.17
N GLN A 311 -11.80 -13.84 -0.53
CA GLN A 311 -13.15 -13.97 0.04
C GLN A 311 -13.19 -13.65 1.53
N TYR A 312 -12.40 -14.37 2.33
CA TYR A 312 -12.43 -14.17 3.77
C TYR A 312 -11.50 -13.05 4.27
N LEU A 313 -11.11 -12.18 3.34
CA LEU A 313 -10.40 -10.95 3.69
C LEU A 313 -11.10 -9.78 3.04
N ARG A 314 -12.01 -9.15 3.78
CA ARG A 314 -12.86 -8.11 3.20
C ARG A 314 -12.29 -6.71 3.36
N PRO A 315 -12.36 -5.90 2.29
CA PRO A 315 -11.89 -4.52 2.25
C PRO A 315 -12.57 -3.65 3.30
N VAL A 316 -11.87 -2.63 3.78
CA VAL A 316 -12.42 -1.71 4.77
C VAL A 316 -12.31 -0.27 4.28
N VAL A 319 -10.61 8.41 5.42
CA VAL A 319 -10.16 7.27 6.22
C VAL A 319 -9.39 6.25 5.38
N ALA A 320 -10.06 5.17 5.01
CA ALA A 320 -9.46 4.20 4.13
C ALA A 320 -9.02 5.02 2.93
N THR A 321 -7.71 5.10 2.72
CA THR A 321 -7.13 6.03 1.75
C THR A 321 -7.01 5.51 0.32
N SER A 322 -7.43 6.34 -0.61
CA SER A 322 -7.40 6.04 -2.03
C SER A 322 -6.33 5.03 -2.45
N GLN A 323 -5.07 5.30 -2.13
CA GLN A 323 -3.97 4.54 -2.72
C GLN A 323 -3.77 3.17 -2.10
N ASP A 324 -4.36 2.95 -0.93
CA ASP A 324 -4.14 1.71 -0.18
C ASP A 324 -5.28 0.70 -0.25
N ASP A 325 -4.92 -0.58 -0.16
CA ASP A 325 -5.89 -1.64 -0.01
C ASP A 325 -5.79 -2.20 1.40
N CYS A 326 -6.86 -2.05 2.18
CA CYS A 326 -6.86 -2.53 3.56
C CYS A 326 -7.93 -3.60 3.77
N TYR A 327 -7.66 -4.54 4.66
CA TYR A 327 -8.57 -5.66 4.90
C TYR A 327 -8.73 -5.96 6.38
N LYS A 328 -9.86 -6.58 6.72
CA LYS A 328 -10.07 -7.12 8.05
C LYS A 328 -10.42 -8.60 7.97
N PHE A 329 -9.98 -9.36 8.96
CA PHE A 329 -10.19 -10.81 8.99
C PHE A 329 -11.68 -11.14 9.01
N ALA A 330 -12.18 -11.62 7.88
CA ALA A 330 -13.61 -11.91 7.72
C ALA A 330 -13.98 -13.29 8.31
N ILE A 331 -13.28 -13.67 9.37
CA ILE A 331 -13.57 -14.91 10.09
C ILE A 331 -13.59 -14.62 11.58
N SER A 332 -14.78 -14.63 12.18
CA SER A 332 -14.94 -14.25 13.57
C SER A 332 -15.50 -15.37 14.45
N GLN A 333 -15.50 -15.13 15.75
CA GLN A 333 -15.96 -16.10 16.73
C GLN A 333 -17.48 -16.07 16.87
N SER A 334 -18.07 -17.22 17.19
CA SER A 334 -19.51 -17.32 17.35
C SER A 334 -19.89 -18.06 18.63
N SER A 335 -21.12 -17.86 19.08
CA SER A 335 -21.63 -18.53 20.28
C SER A 335 -22.98 -19.18 19.99
N THR A 336 -23.45 -19.05 18.76
CA THR A 336 -24.74 -19.60 18.37
C THR A 336 -24.60 -20.53 17.17
N GLY A 337 -23.37 -20.98 16.90
CA GLY A 337 -23.11 -21.92 15.82
C GLY A 337 -22.37 -21.30 14.64
N THR A 338 -22.32 -22.04 13.54
CA THR A 338 -21.62 -21.58 12.34
C THR A 338 -22.54 -20.71 11.49
N VAL A 339 -21.98 -19.62 10.95
CA VAL A 339 -22.72 -18.72 10.07
C VAL A 339 -21.94 -18.48 8.78
N MET A 340 -22.43 -19.08 7.70
CA MET A 340 -21.82 -18.88 6.38
C MET A 340 -22.31 -17.57 5.79
N GLY A 341 -21.52 -16.52 5.99
CA GLY A 341 -21.93 -15.18 5.60
C GLY A 341 -21.67 -14.84 4.15
N ALA A 342 -21.72 -13.55 3.85
CA ALA A 342 -21.57 -13.05 2.48
C ALA A 342 -20.20 -13.40 1.89
N VAL A 343 -19.20 -13.52 2.75
CA VAL A 343 -17.84 -13.84 2.30
C VAL A 343 -17.77 -15.24 1.72
N ILE A 344 -18.70 -16.10 2.10
CA ILE A 344 -18.74 -17.48 1.62
C ILE A 344 -19.56 -17.58 0.34
N MET A 345 -20.45 -16.61 0.13
CA MET A 345 -21.40 -16.68 -0.98
C MET A 345 -20.96 -15.90 -2.20
N GLU A 346 -19.95 -15.05 -2.05
CA GLU A 346 -19.55 -14.15 -3.12
C GLU A 346 -19.05 -14.86 -4.39
N GLY A 347 -18.04 -15.70 -4.25
CA GLY A 347 -17.47 -16.37 -5.40
C GLY A 347 -18.42 -17.32 -6.09
N PHE A 348 -19.60 -17.51 -5.51
CA PHE A 348 -20.52 -18.54 -5.99
C PHE A 348 -21.93 -18.03 -6.33
N TYR A 349 -22.76 -18.96 -6.78
CA TYR A 349 -24.15 -18.68 -7.14
C TYR A 349 -25.07 -19.55 -6.30
N VAL A 350 -25.37 -19.08 -5.09
CA VAL A 350 -26.13 -19.87 -4.13
C VAL A 350 -27.61 -19.92 -4.47
N VAL A 351 -28.17 -21.12 -4.47
CA VAL A 351 -29.58 -21.34 -4.80
C VAL A 351 -30.36 -21.85 -3.60
N PHE A 352 -31.43 -21.15 -3.26
CA PHE A 352 -32.27 -21.54 -2.14
C PHE A 352 -33.55 -22.23 -2.64
N ASP A 353 -33.42 -23.51 -2.96
CA ASP A 353 -34.56 -24.28 -3.46
C ASP A 353 -35.51 -24.65 -2.32
N ARG A 354 -36.39 -23.71 -1.99
CA ARG A 354 -37.37 -23.91 -0.93
C ARG A 354 -38.36 -25.01 -1.29
N ALA A 355 -38.64 -25.16 -2.58
CA ALA A 355 -39.58 -26.17 -3.05
C ALA A 355 -39.07 -27.58 -2.76
N ARG A 356 -37.79 -27.81 -3.01
CA ARG A 356 -37.19 -29.13 -2.80
C ARG A 356 -36.33 -29.17 -1.54
N LYS A 357 -36.54 -28.20 -0.65
CA LYS A 357 -35.82 -28.14 0.63
C LYS A 357 -34.33 -28.40 0.48
N ARG A 358 -33.66 -27.58 -0.34
CA ARG A 358 -32.23 -27.77 -0.59
C ARG A 358 -31.56 -26.48 -1.00
N ILE A 359 -30.26 -26.39 -0.74
CA ILE A 359 -29.47 -25.21 -1.10
C ILE A 359 -28.32 -25.61 -2.01
N GLY A 360 -28.36 -25.15 -3.26
CA GLY A 360 -27.33 -25.46 -4.23
C GLY A 360 -26.25 -24.39 -4.29
N PHE A 361 -25.04 -24.82 -4.65
CA PHE A 361 -23.91 -23.91 -4.78
C PHE A 361 -23.23 -24.15 -6.12
N ALA A 362 -22.71 -23.09 -6.71
CA ALA A 362 -22.04 -23.21 -8.01
C ALA A 362 -21.14 -22.01 -8.29
N VAL A 363 -20.08 -22.24 -9.05
CA VAL A 363 -19.19 -21.17 -9.49
C VAL A 363 -19.97 -20.16 -10.32
N SER A 364 -20.11 -18.95 -9.79
CA SER A 364 -20.88 -17.90 -10.47
C SER A 364 -20.10 -17.26 -11.61
N ALA A 365 -20.78 -16.43 -12.39
CA ALA A 365 -20.16 -15.74 -13.50
C ALA A 365 -19.16 -14.71 -13.00
N CYS A 366 -19.34 -14.28 -11.76
CA CYS A 366 -18.42 -13.34 -11.12
C CYS A 366 -17.56 -14.06 -10.08
N HIS A 367 -17.13 -15.28 -10.39
CA HIS A 367 -16.30 -16.05 -9.49
C HIS A 367 -14.98 -15.32 -9.23
N VAL A 368 -14.49 -15.42 -8.00
CA VAL A 368 -13.22 -14.79 -7.65
C VAL A 368 -12.05 -15.72 -7.93
N HIS A 369 -10.96 -15.16 -8.44
CA HIS A 369 -9.78 -15.94 -8.79
C HIS A 369 -8.59 -15.05 -9.10
N ASP A 370 -7.44 -15.70 -9.31
CA ASP A 370 -6.23 -15.01 -9.77
C ASP A 370 -5.49 -15.93 -10.72
N GLU A 371 -4.27 -15.56 -11.10
CA GLU A 371 -3.51 -16.34 -12.06
C GLU A 371 -2.85 -17.55 -11.40
N PHE A 372 -3.45 -18.05 -10.34
CA PHE A 372 -2.90 -19.21 -9.63
C PHE A 372 -3.99 -20.11 -9.05
N ARG A 373 -4.90 -19.52 -8.29
CA ARG A 373 -5.97 -20.28 -7.63
C ARG A 373 -7.34 -19.73 -7.98
N THR A 374 -8.40 -20.42 -7.57
CA THR A 374 -9.76 -20.01 -7.87
C THR A 374 -10.78 -20.69 -6.96
N ALA A 375 -11.92 -20.03 -6.75
CA ALA A 375 -13.00 -20.61 -5.98
C ALA A 375 -13.59 -21.80 -6.73
N ALA A 376 -13.98 -22.83 -6.00
CA ALA A 376 -14.46 -24.06 -6.63
C ALA A 376 -15.50 -24.80 -5.78
N VAL A 377 -16.41 -25.48 -6.47
CA VAL A 377 -17.40 -26.33 -5.81
C VAL A 377 -17.22 -27.74 -6.35
N GLU A 378 -16.50 -28.57 -5.59
CA GLU A 378 -16.07 -29.86 -6.10
C GLU A 378 -16.73 -31.04 -5.39
N GLY A 379 -17.08 -32.07 -6.18
CA GLY A 379 -17.66 -33.28 -5.65
C GLY A 379 -17.53 -34.40 -6.67
N PRO A 380 -17.89 -35.63 -6.28
CA PRO A 380 -18.39 -35.94 -4.93
C PRO A 380 -17.30 -36.56 -4.06
N PHE A 381 -17.28 -36.19 -2.78
CA PHE A 381 -16.39 -36.83 -1.81
C PHE A 381 -17.23 -37.73 -0.91
N VAL A 382 -16.58 -38.64 -0.21
CA VAL A 382 -17.31 -39.57 0.66
C VAL A 382 -17.28 -39.13 2.11
N THR A 383 -18.43 -39.22 2.77
CA THR A 383 -18.56 -38.89 4.18
C THR A 383 -19.50 -39.89 4.85
N LEU A 384 -18.96 -40.66 5.78
CA LEU A 384 -19.75 -41.67 6.49
C LEU A 384 -20.38 -41.09 7.74
N ASP A 385 -20.17 -39.79 7.95
CA ASP A 385 -20.73 -39.08 9.08
C ASP A 385 -22.13 -38.57 8.73
N MET A 386 -22.21 -37.81 7.64
CA MET A 386 -23.50 -37.37 7.08
C MET A 386 -24.42 -36.68 8.08
N GLU A 387 -25.67 -37.15 8.12
CA GLU A 387 -26.72 -36.51 8.90
C GLU A 387 -26.51 -36.57 10.41
N ASP A 388 -25.52 -37.33 10.85
CA ASP A 388 -25.22 -37.42 12.27
C ASP A 388 -24.14 -36.41 12.69
N CYS A 389 -23.97 -35.37 11.89
CA CYS A 389 -23.06 -34.28 12.22
C CYS A 389 -23.85 -33.15 12.89
N GLY A 390 -25.16 -33.30 12.90
CA GLY A 390 -26.02 -32.34 13.58
C GLY A 390 -25.90 -32.50 15.09
N TYR A 391 -26.38 -31.52 15.83
CA TYR A 391 -26.24 -31.53 17.29
C TYR A 391 -27.58 -31.47 18.01
N ASN A 392 -28.51 -30.68 17.46
CA ASN A 392 -29.81 -30.48 18.09
C ASN A 392 -30.98 -30.67 17.15
N ILE A 393 -32.20 -30.61 17.70
CA ILE A 393 -33.42 -30.76 16.92
C ILE A 393 -34.58 -30.01 17.57
N GLU B 1 -1.39 11.34 -0.01
CA GLU B 1 -0.07 11.06 -0.57
C GLU B 1 0.85 10.38 0.45
N VAL B 2 1.36 9.22 0.09
CA VAL B 2 2.27 8.48 0.97
C VAL B 2 3.58 9.21 1.13
N GLN B 3 4.00 9.42 2.37
CA GLN B 3 5.26 10.10 2.65
C GLN B 3 5.70 9.98 4.11
N LEU B 4 6.99 9.70 4.29
CA LEU B 4 7.61 9.67 5.61
C LEU B 4 8.64 10.79 5.72
N VAL B 5 8.74 11.39 6.90
CA VAL B 5 9.69 12.47 7.11
C VAL B 5 10.49 12.28 8.40
N GLU B 6 11.75 11.91 8.26
CA GLU B 6 12.64 11.73 9.41
C GLU B 6 13.12 13.07 9.96
N SER B 7 13.60 13.06 11.20
CA SER B 7 14.07 14.27 11.86
C SER B 7 15.07 13.95 12.96
N GLY B 8 15.69 14.99 13.51
CA GLY B 8 16.62 14.83 14.61
C GLY B 8 18.05 14.62 14.19
N GLY B 9 18.26 14.44 12.88
CA GLY B 9 19.59 14.23 12.35
C GLY B 9 20.52 15.40 12.59
N GLY B 10 21.75 15.11 13.01
CA GLY B 10 22.73 16.13 13.26
C GLY B 10 24.02 15.59 13.87
N LEU B 11 24.89 16.51 14.29
CA LEU B 11 26.17 16.14 14.89
C LEU B 11 25.99 15.58 16.29
N VAL B 12 26.54 14.39 16.53
CA VAL B 12 26.45 13.76 17.85
C VAL B 12 27.84 13.42 18.37
N GLN B 13 28.06 13.66 19.66
CA GLN B 13 29.31 13.30 20.28
C GLN B 13 29.40 11.78 20.45
N PRO B 14 30.61 11.23 20.29
CA PRO B 14 30.83 9.80 20.55
C PRO B 14 30.41 9.45 21.96
N GLY B 15 29.55 8.45 22.09
CA GLY B 15 29.01 8.05 23.38
C GLY B 15 27.81 8.91 23.77
N GLY B 16 27.31 9.66 22.79
CA GLY B 16 26.20 10.55 23.02
C GLY B 16 24.85 9.96 22.65
N SER B 17 23.78 10.69 22.96
CA SER B 17 22.43 10.23 22.68
C SER B 17 21.72 11.13 21.68
N LEU B 18 20.92 10.52 20.81
CA LEU B 18 20.15 11.26 19.83
C LEU B 18 18.79 10.58 19.61
N ARG B 19 17.78 11.37 19.30
CA ARG B 19 16.44 10.83 19.09
C ARG B 19 15.87 11.26 17.74
N LEU B 20 15.67 10.29 16.86
CA LEU B 20 15.13 10.55 15.53
C LEU B 20 13.63 10.28 15.48
N SER B 21 12.92 11.05 14.66
CA SER B 21 11.48 10.86 14.51
C SER B 21 11.14 10.43 13.08
N CYS B 22 9.90 9.98 12.88
CA CYS B 22 9.44 9.54 11.58
C CYS B 22 7.97 9.91 11.39
N ALA B 23 7.72 11.05 10.78
CA ALA B 23 6.37 11.54 10.58
C ALA B 23 5.67 10.82 9.43
N ALA B 24 4.57 10.13 9.76
CA ALA B 24 3.80 9.41 8.76
C ALA B 24 2.60 10.25 8.30
N SER B 25 2.31 10.19 7.01
CA SER B 25 1.23 10.99 6.43
C SER B 25 0.80 10.49 5.07
N GLY B 26 -0.50 10.57 4.79
CA GLY B 26 -1.03 10.22 3.49
C GLY B 26 -1.32 8.75 3.30
N PHE B 27 -1.03 7.94 4.31
CA PHE B 27 -1.33 6.51 4.26
C PHE B 27 -1.87 6.03 5.60
N THR B 28 -2.50 4.86 5.60
CA THR B 28 -3.09 4.31 6.81
C THR B 28 -2.01 3.79 7.76
N PHE B 29 -1.53 4.67 8.63
CA PHE B 29 -0.50 4.34 9.60
C PHE B 29 -0.70 2.94 10.16
N LEU B 30 -1.71 2.77 11.01
CA LEU B 30 -2.09 1.45 11.47
C LEU B 30 -2.51 0.63 10.25
N GLY B 31 -1.96 -0.57 10.13
CA GLY B 31 -2.17 -1.39 8.95
C GLY B 31 -0.83 -1.74 8.33
N TYR B 32 0.13 -0.84 8.52
CA TYR B 32 1.52 -1.11 8.16
C TYR B 32 2.36 -1.09 9.42
N GLY B 33 3.62 -1.45 9.27
CA GLY B 33 4.59 -1.30 10.35
C GLY B 33 5.66 -0.32 9.90
N ILE B 34 6.61 -0.01 10.77
CA ILE B 34 7.69 0.90 10.41
C ILE B 34 9.06 0.28 10.64
N HIS B 35 9.85 0.18 9.58
CA HIS B 35 11.23 -0.28 9.68
C HIS B 35 12.18 0.89 9.84
N TRP B 36 13.31 0.64 10.47
CA TRP B 36 14.40 1.60 10.52
C TRP B 36 15.62 0.98 9.85
N VAL B 37 16.12 1.63 8.80
CA VAL B 37 17.29 1.15 8.08
C VAL B 37 18.31 2.27 7.95
N ARG B 38 19.59 1.92 7.99
CA ARG B 38 20.62 2.93 7.85
C ARG B 38 21.61 2.61 6.72
N GLN B 39 22.35 3.63 6.31
CA GLN B 39 23.30 3.48 5.20
C GLN B 39 24.43 4.49 5.31
N ALA B 40 25.65 3.98 5.47
CA ALA B 40 26.83 4.84 5.52
C ALA B 40 27.08 5.48 4.16
N PRO B 41 27.82 6.61 4.15
CA PRO B 41 28.14 7.31 2.90
C PRO B 41 29.00 6.47 1.97
N GLY B 42 28.40 5.96 0.90
CA GLY B 42 29.12 5.14 -0.06
C GLY B 42 29.00 3.66 0.23
N LYS B 43 28.38 3.33 1.35
CA LYS B 43 28.19 1.93 1.72
C LYS B 43 26.78 1.46 1.39
N GLY B 44 26.45 0.24 1.80
CA GLY B 44 25.15 -0.34 1.52
C GLY B 44 24.16 -0.11 2.64
N LEU B 45 23.11 -0.94 2.67
CA LEU B 45 22.06 -0.80 3.66
C LEU B 45 22.24 -1.80 4.80
N GLU B 46 21.74 -1.43 5.98
CA GLU B 46 21.74 -2.33 7.13
C GLU B 46 20.47 -2.12 7.96
N TRP B 47 19.56 -3.09 7.89
CA TRP B 47 18.33 -3.04 8.67
C TRP B 47 18.62 -2.82 10.15
N VAL B 48 18.06 -1.73 10.70
CA VAL B 48 18.30 -1.37 12.08
C VAL B 48 17.24 -1.96 13.02
N GLY B 49 15.98 -1.75 12.70
CA GLY B 49 14.90 -2.26 13.54
C GLY B 49 13.52 -2.22 12.90
N TRP B 50 12.53 -2.64 13.66
CA TRP B 50 11.15 -2.69 13.20
C TRP B 50 10.18 -2.48 14.35
N ILE B 51 8.96 -2.07 14.03
CA ILE B 51 7.91 -1.92 15.03
C ILE B 51 6.53 -2.05 14.41
N SER B 52 5.58 -2.54 15.21
CA SER B 52 4.19 -2.63 14.79
C SER B 52 3.35 -1.76 15.71
N PRO B 53 3.00 -0.54 15.25
CA PRO B 53 2.25 0.42 16.06
C PRO B 53 0.85 -0.04 16.47
N ALA B 54 0.58 -1.34 16.42
CA ALA B 54 -0.72 -1.86 16.82
C ALA B 54 -0.73 -3.34 17.19
N GLY B 55 0.07 -3.73 18.19
CA GLY B 55 0.96 -2.83 18.90
C GLY B 55 2.27 -3.53 19.17
N GLY B 56 3.36 -2.77 19.20
CA GLY B 56 4.69 -3.34 19.34
C GLY B 56 4.78 -4.43 20.40
N SER B 57 5.39 -5.56 20.06
CA SER B 57 5.93 -5.85 18.71
C SER B 57 7.02 -4.90 18.22
N THR B 58 8.18 -4.94 18.88
CA THR B 58 9.37 -4.26 18.39
C THR B 58 10.46 -5.30 18.11
N ASP B 59 11.27 -5.03 17.09
CA ASP B 59 12.37 -5.93 16.75
C ASP B 59 13.62 -5.14 16.38
N TYR B 60 14.77 -5.58 16.88
CA TYR B 60 16.02 -4.88 16.64
C TYR B 60 17.06 -5.77 15.97
N ALA B 61 18.20 -5.18 15.65
CA ALA B 61 19.34 -5.94 15.15
C ALA B 61 20.40 -6.02 16.23
N ASP B 62 21.24 -7.04 16.17
CA ASP B 62 22.28 -7.22 17.18
C ASP B 62 23.17 -5.98 17.31
N SER B 63 23.44 -5.34 16.18
CA SER B 63 24.28 -4.14 16.16
C SER B 63 23.78 -3.09 17.15
N VAL B 64 22.49 -2.78 17.05
CA VAL B 64 21.90 -1.71 17.85
C VAL B 64 21.25 -2.23 19.13
N LYS B 65 21.18 -3.55 19.26
CA LYS B 65 20.55 -4.18 20.41
C LYS B 65 21.08 -3.65 21.74
N GLY B 66 20.20 -3.09 22.55
CA GLY B 66 20.56 -2.59 23.87
C GLY B 66 20.85 -1.11 23.91
N ARG B 67 21.04 -0.50 22.74
CA ARG B 67 21.32 0.93 22.67
C ARG B 67 20.17 1.68 22.00
N PHE B 68 19.69 1.14 20.89
CA PHE B 68 18.58 1.74 20.18
C PHE B 68 17.26 1.24 20.76
N THR B 69 16.31 2.16 20.95
CA THR B 69 15.00 1.79 21.46
C THR B 69 13.91 2.43 20.59
N ILE B 70 13.15 1.59 19.90
CA ILE B 70 12.13 2.07 18.98
C ILE B 70 10.82 2.39 19.70
N SER B 71 10.26 3.56 19.40
CA SER B 71 9.02 4.02 20.00
C SER B 71 7.98 4.34 18.93
N ALA B 72 6.73 4.47 19.33
CA ALA B 72 5.66 4.79 18.39
C ALA B 72 4.52 5.56 19.03
N ASP B 73 4.08 6.63 18.37
CA ASP B 73 2.95 7.42 18.82
C ASP B 73 1.84 7.37 17.79
N THR B 74 0.85 6.52 18.03
CA THR B 74 -0.26 6.35 17.11
C THR B 74 -1.17 7.58 17.06
N SER B 75 -1.12 8.39 18.11
CA SER B 75 -1.90 9.62 18.16
C SER B 75 -1.35 10.64 17.17
N LYS B 76 -0.05 10.58 16.94
CA LYS B 76 0.64 11.55 16.11
C LYS B 76 1.10 10.97 14.78
N ASN B 77 0.77 9.71 14.52
CA ASN B 77 1.24 9.04 13.31
C ASN B 77 2.75 9.19 13.18
N THR B 78 3.47 8.84 14.23
CA THR B 78 4.90 9.07 14.28
C THR B 78 5.66 7.93 14.96
N ALA B 79 6.70 7.44 14.30
CA ALA B 79 7.57 6.43 14.90
C ALA B 79 8.90 7.05 15.32
N TYR B 80 9.40 6.66 16.48
CA TYR B 80 10.62 7.25 17.01
C TYR B 80 11.77 6.25 17.10
N LEU B 81 12.99 6.77 17.20
CA LEU B 81 14.18 5.93 17.32
C LEU B 81 15.16 6.54 18.32
N GLN B 82 15.07 6.08 19.57
CA GLN B 82 15.99 6.54 20.61
C GLN B 82 17.34 5.86 20.46
N MET B 83 18.39 6.66 20.36
CA MET B 83 19.74 6.15 20.16
C MET B 83 20.67 6.58 21.29
N ASN B 84 21.37 5.60 21.88
CA ASN B 84 22.30 5.89 22.98
C ASN B 84 23.70 5.35 22.73
N SER B 85 24.65 5.82 23.53
CA SER B 85 26.04 5.40 23.42
C SER B 85 26.49 5.34 21.96
N LEU B 86 26.25 6.43 21.24
CA LEU B 86 26.56 6.50 19.81
C LEU B 86 28.05 6.51 19.53
N ARG B 87 28.51 5.52 18.76
CA ARG B 87 29.90 5.45 18.37
C ARG B 87 30.06 5.94 16.93
N ALA B 88 31.31 6.05 16.47
CA ALA B 88 31.58 6.54 15.13
C ALA B 88 30.98 5.62 14.06
N GLU B 89 30.98 4.32 14.34
CA GLU B 89 30.44 3.33 13.41
C GLU B 89 28.95 3.54 13.14
N ASP B 90 28.31 4.37 13.96
CA ASP B 90 26.88 4.62 13.82
C ASP B 90 26.58 5.67 12.76
N THR B 91 27.61 6.38 12.32
CA THR B 91 27.44 7.41 11.30
C THR B 91 26.84 6.84 10.03
N ALA B 92 25.65 7.29 9.67
CA ALA B 92 24.97 6.82 8.46
C ALA B 92 23.65 7.56 8.25
N VAL B 93 23.12 7.47 7.04
CA VAL B 93 21.79 7.99 6.75
C VAL B 93 20.75 7.02 7.31
N TYR B 94 19.85 7.53 8.14
CA TYR B 94 18.85 6.68 8.77
C TYR B 94 17.48 6.82 8.10
N TYR B 95 17.11 5.81 7.31
CA TYR B 95 15.82 5.77 6.64
C TYR B 95 14.78 5.09 7.53
N CYS B 96 13.55 5.61 7.49
CA CYS B 96 12.41 4.89 8.03
C CYS B 96 11.51 4.55 6.85
N ALA B 97 11.10 3.29 6.76
CA ALA B 97 10.31 2.84 5.61
C ALA B 97 9.04 2.12 6.03
N ARG B 98 7.96 2.38 5.30
CA ARG B 98 6.71 1.69 5.53
C ARG B 98 6.89 0.20 5.28
N GLY B 99 6.32 -0.62 6.15
CA GLY B 99 6.49 -2.05 6.03
C GLY B 99 5.22 -2.86 6.18
N PRO B 100 4.75 -3.45 5.08
CA PRO B 100 3.65 -4.42 5.12
C PRO B 100 4.03 -5.59 6.03
N PHE B 101 3.12 -5.97 6.93
CA PHE B 101 3.37 -7.06 7.85
C PHE B 101 3.91 -8.29 7.15
N SER B 102 3.49 -8.49 5.91
CA SER B 102 3.98 -9.59 5.08
C SER B 102 3.66 -9.33 3.62
N PRO B 103 4.67 -9.42 2.73
CA PRO B 103 6.04 -9.79 3.08
C PRO B 103 6.76 -8.69 3.84
N TRP B 104 7.80 -9.07 4.55
CA TRP B 104 8.56 -8.11 5.34
C TRP B 104 9.47 -7.26 4.44
N VAL B 105 8.85 -6.49 3.56
CA VAL B 105 9.57 -5.59 2.66
C VAL B 105 9.20 -4.14 2.98
N MET B 106 10.04 -3.21 2.55
CA MET B 106 9.77 -1.78 2.71
C MET B 106 9.40 -1.18 1.36
N ASP B 107 8.14 -0.80 1.21
CA ASP B 107 7.62 -0.37 -0.08
C ASP B 107 7.74 1.15 -0.32
N TYR B 108 7.72 1.94 0.74
CA TYR B 108 7.94 3.37 0.60
C TYR B 108 8.99 3.86 1.60
N TRP B 109 10.08 4.41 1.08
CA TRP B 109 11.17 4.91 1.90
C TRP B 109 11.14 6.42 1.98
N GLY B 110 11.47 6.97 3.16
CA GLY B 110 11.65 8.39 3.31
C GLY B 110 13.04 8.77 2.85
N GLN B 111 13.26 10.06 2.61
CA GLN B 111 14.56 10.52 2.12
C GLN B 111 15.64 10.43 3.20
N GLY B 112 15.25 9.98 4.38
CA GLY B 112 16.19 9.73 5.46
C GLY B 112 16.65 10.96 6.21
N THR B 113 17.39 10.73 7.29
CA THR B 113 17.98 11.81 8.08
C THR B 113 19.43 11.47 8.40
N LEU B 114 20.35 12.34 7.99
CA LEU B 114 21.77 12.07 8.19
C LEU B 114 22.20 12.33 9.62
N VAL B 115 22.92 11.38 10.20
CA VAL B 115 23.44 11.49 11.55
C VAL B 115 24.95 11.29 11.53
N THR B 116 25.68 12.19 12.19
CA THR B 116 27.14 12.14 12.18
C THR B 116 27.71 12.18 13.59
N VAL B 117 28.34 11.07 13.99
CA VAL B 117 29.02 11.00 15.28
C VAL B 117 30.46 11.44 15.14
N SER B 118 30.79 12.61 15.70
CA SER B 118 32.14 13.16 15.54
C SER B 118 32.53 14.07 16.70
N SER B 119 33.83 14.19 16.92
CA SER B 119 34.37 15.07 17.96
C SER B 119 34.39 16.51 17.46
N ALA B 120 34.20 16.70 16.16
CA ALA B 120 34.23 18.02 15.56
C ALA B 120 33.05 18.86 16.02
N SER B 121 32.98 20.09 15.52
CA SER B 121 31.91 21.00 15.88
C SER B 121 31.03 21.35 14.68
N THR B 122 29.90 21.99 14.94
CA THR B 122 28.96 22.35 13.88
C THR B 122 29.17 23.79 13.41
N LYS B 123 29.32 23.95 12.10
CA LYS B 123 29.47 25.27 11.51
C LYS B 123 28.54 25.43 10.32
N GLY B 124 27.79 26.53 10.30
CA GLY B 124 26.89 26.83 9.20
C GLY B 124 27.66 27.18 7.94
N PRO B 125 26.98 27.10 6.78
CA PRO B 125 27.59 27.36 5.47
C PRO B 125 27.63 28.84 5.13
N SER B 126 28.48 29.19 4.16
CA SER B 126 28.58 30.57 3.68
C SER B 126 28.13 30.62 2.22
N VAL B 127 26.88 31.01 1.99
CA VAL B 127 26.28 30.96 0.67
C VAL B 127 26.69 32.14 -0.21
N PHE B 128 27.38 31.85 -1.30
CA PHE B 128 27.82 32.89 -2.23
C PHE B 128 27.14 32.71 -3.59
N PRO B 129 26.87 33.83 -4.29
CA PRO B 129 26.23 33.78 -5.61
C PRO B 129 27.21 33.47 -6.74
N LEU B 130 26.92 32.43 -7.51
CA LEU B 130 27.70 32.11 -8.70
C LEU B 130 27.02 32.70 -9.93
N ALA B 131 27.43 33.91 -10.31
CA ALA B 131 26.82 34.59 -11.45
C ALA B 131 27.84 34.99 -12.50
N PRO B 132 27.39 35.14 -13.76
CA PRO B 132 28.22 35.59 -14.87
C PRO B 132 28.38 37.11 -14.87
N SER B 138 28.08 35.25 -24.20
CA SER B 138 26.65 35.48 -24.11
C SER B 138 25.89 34.68 -25.17
N GLY B 139 24.83 34.00 -24.75
CA GLY B 139 24.04 33.19 -25.65
C GLY B 139 22.59 33.11 -25.20
N GLY B 140 21.90 32.05 -25.62
CA GLY B 140 20.49 31.87 -25.28
C GLY B 140 20.30 31.39 -23.87
N THR B 141 21.27 30.65 -23.35
CA THR B 141 21.18 30.13 -21.99
C THR B 141 22.33 30.64 -21.13
N ALA B 142 22.01 31.02 -19.91
CA ALA B 142 22.99 31.52 -18.96
C ALA B 142 23.01 30.64 -17.72
N ALA B 143 24.18 30.51 -17.09
CA ALA B 143 24.33 29.66 -15.92
C ALA B 143 24.38 30.46 -14.62
N LEU B 144 23.43 30.20 -13.73
CA LEU B 144 23.44 30.79 -12.40
C LEU B 144 23.62 29.68 -11.36
N GLY B 145 24.29 30.01 -10.26
CA GLY B 145 24.55 29.02 -9.23
C GLY B 145 24.72 29.61 -7.84
N CYS B 146 25.04 28.74 -6.88
CA CYS B 146 25.31 29.17 -5.51
C CYS B 146 26.36 28.30 -4.84
N LEU B 147 27.43 28.95 -4.38
CA LEU B 147 28.51 28.25 -3.67
C LEU B 147 28.22 28.14 -2.19
N VAL B 148 27.96 26.93 -1.73
CA VAL B 148 27.70 26.67 -0.32
C VAL B 148 29.01 26.25 0.37
N LYS B 149 29.63 27.18 1.08
CA LYS B 149 31.02 27.02 1.52
C LYS B 149 31.20 26.79 3.02
N ASP B 150 32.13 25.90 3.36
CA ASP B 150 32.58 25.70 4.73
C ASP B 150 31.46 25.43 5.73
N TYR B 151 30.77 24.31 5.55
CA TYR B 151 29.76 23.88 6.52
C TYR B 151 30.12 22.52 7.09
N PHE B 152 29.43 22.13 8.16
CA PHE B 152 29.66 20.84 8.79
C PHE B 152 28.62 20.59 9.88
N PRO B 153 28.11 19.35 9.95
CA PRO B 153 28.45 18.28 9.02
C PRO B 153 27.44 18.20 7.89
N GLU B 154 27.53 17.16 7.07
CA GLU B 154 26.53 16.91 6.04
C GLU B 154 25.16 16.80 6.70
N PRO B 155 24.08 16.94 5.91
CA PRO B 155 24.08 17.27 4.48
C PRO B 155 23.63 18.70 4.24
N VAL B 156 23.44 19.04 2.98
CA VAL B 156 22.90 20.35 2.61
C VAL B 156 21.85 20.18 1.51
N THR B 157 20.69 20.78 1.72
CA THR B 157 19.59 20.68 0.76
C THR B 157 19.47 21.96 -0.05
N VAL B 158 19.44 21.82 -1.37
CA VAL B 158 19.36 22.97 -2.25
C VAL B 158 18.24 22.84 -3.29
N SER B 159 17.30 23.77 -3.25
CA SER B 159 16.28 23.87 -4.28
C SER B 159 16.27 25.29 -4.82
N TRP B 160 15.73 25.47 -6.03
CA TRP B 160 15.68 26.80 -6.64
C TRP B 160 14.25 27.30 -6.77
N ASN B 161 14.06 28.59 -6.52
CA ASN B 161 12.75 29.21 -6.59
C ASN B 161 11.68 28.41 -5.84
N SER B 162 12.01 28.03 -4.61
CA SER B 162 11.09 27.30 -3.74
C SER B 162 10.63 25.98 -4.35
N GLY B 163 11.42 25.45 -5.28
CA GLY B 163 11.11 24.16 -5.89
C GLY B 163 10.39 24.29 -7.22
N ALA B 164 9.97 25.51 -7.55
CA ALA B 164 9.25 25.76 -8.79
C ALA B 164 10.14 25.57 -10.02
N LEU B 165 11.44 25.56 -9.81
CA LEU B 165 12.40 25.41 -10.89
C LEU B 165 13.27 24.18 -10.72
N THR B 166 13.08 23.18 -11.59
CA THR B 166 13.84 21.94 -11.51
C THR B 166 14.51 21.58 -12.83
N SER B 167 14.28 22.39 -13.86
CA SER B 167 14.90 22.16 -15.16
C SER B 167 16.25 22.86 -15.27
N GLY B 168 17.31 22.07 -15.39
CA GLY B 168 18.65 22.60 -15.55
C GLY B 168 19.47 22.54 -14.27
N VAL B 169 18.82 22.21 -13.17
CA VAL B 169 19.48 22.19 -11.87
C VAL B 169 20.49 21.06 -11.76
N HIS B 170 21.69 21.39 -11.28
CA HIS B 170 22.74 20.40 -11.07
C HIS B 170 23.41 20.62 -9.71
N THR B 171 22.85 20.01 -8.68
CA THR B 171 23.45 20.06 -7.35
C THR B 171 24.55 19.01 -7.24
N PHE B 172 25.78 19.46 -7.02
CA PHE B 172 26.93 18.56 -7.01
C PHE B 172 27.15 17.92 -5.65
N PRO B 173 27.71 16.69 -5.64
CA PRO B 173 28.08 16.01 -4.40
C PRO B 173 29.03 16.87 -3.57
N ALA B 174 28.83 16.88 -2.26
CA ALA B 174 29.64 17.71 -1.37
C ALA B 174 31.07 17.21 -1.25
N VAL B 175 32.03 18.05 -1.59
CA VAL B 175 33.44 17.72 -1.46
C VAL B 175 33.94 18.07 -0.06
N LEU B 176 34.73 17.18 0.53
CA LEU B 176 35.31 17.43 1.84
C LEU B 176 36.64 18.18 1.70
N GLN B 177 36.71 19.36 2.29
CA GLN B 177 37.92 20.18 2.22
C GLN B 177 38.93 19.77 3.28
N SER B 178 40.19 20.15 3.07
CA SER B 178 41.26 19.78 3.99
C SER B 178 41.07 20.43 5.35
N SER B 179 40.16 21.41 5.41
CA SER B 179 39.88 22.13 6.64
C SER B 179 38.88 21.39 7.53
N GLY B 180 38.45 20.22 7.06
CA GLY B 180 37.49 19.41 7.79
C GLY B 180 36.05 19.82 7.51
N LEU B 181 35.89 20.89 6.74
CA LEU B 181 34.57 21.39 6.38
C LEU B 181 34.19 20.95 4.97
N TYR B 182 32.89 20.87 4.71
CA TYR B 182 32.40 20.48 3.39
C TYR B 182 32.09 21.70 2.53
N SER B 183 31.88 21.46 1.24
CA SER B 183 31.59 22.52 0.29
C SER B 183 31.04 21.93 -1.00
N LEU B 184 29.88 22.43 -1.44
CA LEU B 184 29.30 21.97 -2.69
C LEU B 184 28.80 23.11 -3.56
N SER B 185 28.45 22.77 -4.80
CA SER B 185 27.93 23.75 -5.75
C SER B 185 26.53 23.35 -6.18
N SER B 186 25.72 24.34 -6.54
CA SER B 186 24.41 24.09 -7.12
C SER B 186 24.18 25.07 -8.25
N VAL B 187 24.09 24.54 -9.47
CA VAL B 187 23.96 25.38 -10.66
C VAL B 187 22.65 25.15 -11.39
N VAL B 188 22.28 26.11 -12.23
CA VAL B 188 21.05 26.02 -13.00
C VAL B 188 21.15 26.89 -14.26
N THR B 189 21.01 26.26 -15.42
CA THR B 189 21.01 26.99 -16.68
C THR B 189 19.61 27.54 -16.95
N VAL B 190 19.54 28.81 -17.32
CA VAL B 190 18.26 29.47 -17.57
C VAL B 190 18.34 30.34 -18.83
N PRO B 191 17.20 30.58 -19.47
CA PRO B 191 17.14 31.47 -20.64
C PRO B 191 17.75 32.83 -20.35
N SER B 192 18.73 33.23 -21.15
CA SER B 192 19.42 34.51 -20.93
C SER B 192 18.47 35.69 -20.93
N SER B 193 17.36 35.56 -21.65
CA SER B 193 16.37 36.63 -21.75
C SER B 193 15.62 36.81 -20.43
N SER B 194 15.48 35.74 -19.67
CA SER B 194 14.73 35.78 -18.42
C SER B 194 15.46 36.58 -17.35
N LEU B 195 16.73 36.89 -17.60
CA LEU B 195 17.50 37.72 -16.68
C LEU B 195 16.92 39.12 -16.63
N GLY B 196 16.55 39.58 -15.44
CA GLY B 196 15.96 40.89 -15.28
C GLY B 196 14.46 40.88 -15.51
N THR B 197 13.90 39.70 -15.71
CA THR B 197 12.46 39.54 -15.88
C THR B 197 11.97 38.44 -14.94
N GLN B 198 12.92 37.66 -14.44
CA GLN B 198 12.63 36.53 -13.57
C GLN B 198 13.69 36.44 -12.46
N THR B 199 13.25 36.39 -11.22
CA THR B 199 14.16 36.30 -10.09
C THR B 199 14.55 34.86 -9.76
N TYR B 200 15.80 34.66 -9.40
CA TYR B 200 16.30 33.34 -9.05
C TYR B 200 16.93 33.32 -7.66
N ILE B 201 16.51 32.35 -6.84
CA ILE B 201 16.99 32.24 -5.46
C ILE B 201 17.51 30.85 -5.16
N CYS B 202 18.58 30.78 -4.36
CA CYS B 202 19.06 29.51 -3.83
C CYS B 202 18.37 29.20 -2.52
N ASN B 203 17.72 28.05 -2.44
CA ASN B 203 17.08 27.64 -1.20
C ASN B 203 17.97 26.69 -0.41
N VAL B 204 19.03 27.24 0.16
CA VAL B 204 19.98 26.45 0.93
C VAL B 204 19.40 26.10 2.30
N ASN B 205 19.61 24.85 2.72
CA ASN B 205 19.18 24.41 4.04
C ASN B 205 20.20 23.47 4.66
N HIS B 206 20.68 23.83 5.84
CA HIS B 206 21.66 23.02 6.57
C HIS B 206 21.10 22.65 7.95
N LYS B 207 20.26 21.63 7.99
CA LYS B 207 19.54 21.27 9.21
C LYS B 207 20.41 21.05 10.45
N PRO B 208 21.51 20.30 10.32
CA PRO B 208 22.37 20.07 11.49
C PRO B 208 22.79 21.38 12.14
N SER B 209 22.84 22.45 11.35
CA SER B 209 23.21 23.77 11.84
C SER B 209 22.00 24.67 12.00
N ASN B 210 20.82 24.16 11.64
CA ASN B 210 19.59 24.95 11.65
C ASN B 210 19.73 26.20 10.79
N THR B 211 20.70 26.19 9.88
CA THR B 211 20.97 27.34 9.02
C THR B 211 20.25 27.23 7.69
N LYS B 212 19.20 28.03 7.52
CA LYS B 212 18.50 28.12 6.25
C LYS B 212 18.79 29.46 5.60
N VAL B 213 19.11 29.44 4.31
CA VAL B 213 19.47 30.65 3.59
C VAL B 213 18.83 30.69 2.20
N ASP B 214 18.22 31.83 1.87
CA ASP B 214 17.68 32.03 0.54
C ASP B 214 18.49 33.12 -0.17
N LYS B 215 19.45 32.71 -0.97
CA LYS B 215 20.35 33.65 -1.63
C LYS B 215 20.01 33.89 -3.10
N LYS B 216 19.59 35.11 -3.41
CA LYS B 216 19.27 35.49 -4.77
C LYS B 216 20.53 35.63 -5.62
N VAL B 217 20.50 35.07 -6.83
CA VAL B 217 21.64 35.11 -7.72
C VAL B 217 21.36 35.98 -8.93
N GLU B 218 22.23 36.95 -9.17
CA GLU B 218 22.01 37.93 -10.22
C GLU B 218 23.32 38.33 -10.89
N PRO B 219 23.29 38.55 -12.21
CA PRO B 219 24.47 39.00 -12.96
C PRO B 219 25.00 40.30 -12.37
N LYS B 220 26.32 40.40 -12.21
CA LYS B 220 26.91 41.59 -11.62
C LYS B 220 26.58 42.85 -12.41
N SER B 221 26.65 44.00 -11.75
CA SER B 221 26.21 45.25 -12.34
C SER B 221 27.19 45.78 -13.39
N CYS B 222 28.11 44.92 -13.82
CA CYS B 222 29.10 45.31 -14.81
C CYS B 222 28.53 45.24 -16.22
N ASP C 1 22.43 -15.66 10.72
CA ASP C 1 22.32 -14.39 9.99
C ASP C 1 22.63 -14.61 8.50
N ILE C 2 21.57 -14.73 7.71
CA ILE C 2 21.71 -15.00 6.27
C ILE C 2 22.51 -13.91 5.56
N GLN C 3 23.25 -14.32 4.54
CA GLN C 3 24.12 -13.39 3.81
C GLN C 3 23.71 -13.31 2.34
N MET C 4 23.90 -12.14 1.74
CA MET C 4 23.49 -11.91 0.36
C MET C 4 24.63 -11.36 -0.50
N THR C 5 25.23 -12.24 -1.30
CA THR C 5 26.32 -11.84 -2.18
C THR C 5 25.83 -11.54 -3.59
N GLN C 6 25.75 -10.26 -3.92
CA GLN C 6 25.33 -9.83 -5.26
C GLN C 6 26.50 -9.91 -6.23
N SER C 7 26.18 -9.99 -7.52
CA SER C 7 27.20 -10.07 -8.56
C SER C 7 26.64 -9.58 -9.87
N PRO C 8 27.35 -8.64 -10.53
CA PRO C 8 28.62 -8.12 -10.04
C PRO C 8 28.42 -6.93 -9.10
N SER C 9 29.52 -6.28 -8.71
CA SER C 9 29.45 -5.11 -7.85
C SER C 9 29.10 -3.87 -8.66
N SER C 10 29.41 -3.92 -9.95
CA SER C 10 29.15 -2.80 -10.85
C SER C 10 29.14 -3.26 -12.31
N LEU C 11 28.50 -2.47 -13.17
CA LEU C 11 28.42 -2.80 -14.59
C LEU C 11 28.02 -1.58 -15.41
N SER C 12 28.34 -1.61 -16.71
CA SER C 12 27.97 -0.53 -17.62
C SER C 12 27.42 -1.09 -18.92
N ALA C 13 26.20 -0.70 -19.26
CA ALA C 13 25.54 -1.22 -20.46
C ALA C 13 24.93 -0.11 -21.30
N SER C 14 24.57 -0.45 -22.53
CA SER C 14 24.01 0.51 -23.47
C SER C 14 22.49 0.51 -23.40
N VAL C 15 21.89 1.64 -23.78
CA VAL C 15 20.43 1.76 -23.80
C VAL C 15 19.82 0.71 -24.72
N GLY C 16 19.01 -0.18 -24.16
CA GLY C 16 18.35 -1.22 -24.92
C GLY C 16 18.86 -2.61 -24.58
N ASP C 17 20.08 -2.69 -24.08
CA ASP C 17 20.68 -3.96 -23.73
C ASP C 17 19.90 -4.73 -22.68
N ARG C 18 20.18 -6.03 -22.58
CA ARG C 18 19.55 -6.87 -21.57
C ARG C 18 20.50 -7.08 -20.40
N VAL C 19 20.25 -6.35 -19.32
CA VAL C 19 21.13 -6.43 -18.14
C VAL C 19 20.57 -7.38 -17.09
N THR C 20 21.42 -8.26 -16.59
CA THR C 20 21.02 -9.21 -15.55
C THR C 20 21.91 -9.07 -14.32
N ILE C 21 21.28 -8.94 -13.15
CA ILE C 21 21.99 -8.86 -11.89
C ILE C 21 21.62 -10.04 -11.01
N THR C 22 22.63 -10.80 -10.58
CA THR C 22 22.40 -12.01 -9.79
C THR C 22 22.65 -11.78 -8.30
N CYS C 23 21.91 -12.51 -7.48
CA CYS C 23 22.05 -12.44 -6.03
C CYS C 23 22.07 -13.85 -5.44
N ARG C 24 23.02 -14.10 -4.54
CA ARG C 24 23.19 -15.42 -3.96
C ARG C 24 23.04 -15.40 -2.44
N ALA C 25 22.11 -16.18 -1.93
CA ALA C 25 21.92 -16.30 -0.49
C ALA C 25 22.77 -17.42 0.08
N SER C 26 23.30 -17.22 1.28
CA SER C 26 24.15 -18.22 1.93
C SER C 26 23.31 -19.34 2.52
N GLN C 27 22.05 -19.41 2.11
CA GLN C 27 21.13 -20.43 2.62
C GLN C 27 19.81 -20.38 1.87
N ASP C 28 19.10 -21.50 1.83
CA ASP C 28 17.80 -21.57 1.17
C ASP C 28 16.82 -20.58 1.79
N VAL C 29 16.51 -19.52 1.07
CA VAL C 29 15.58 -18.50 1.55
C VAL C 29 14.24 -18.57 0.83
N SER C 30 13.91 -19.76 0.33
CA SER C 30 12.66 -19.97 -0.40
C SER C 30 12.45 -18.94 -1.49
N THR C 31 11.40 -18.12 -1.33
CA THR C 31 11.10 -17.07 -2.29
C THR C 31 10.98 -15.72 -1.60
N ALA C 32 11.32 -15.69 -0.31
CA ALA C 32 11.28 -14.45 0.46
C ALA C 32 12.43 -13.52 0.07
N VAL C 33 12.27 -12.86 -1.07
CA VAL C 33 13.31 -12.00 -1.61
C VAL C 33 12.72 -10.73 -2.23
N ALA C 34 13.48 -9.64 -2.17
CA ALA C 34 13.05 -8.38 -2.77
C ALA C 34 14.19 -7.69 -3.50
N TRP C 35 13.84 -6.75 -4.38
CA TRP C 35 14.85 -5.97 -5.12
C TRP C 35 14.51 -4.48 -5.09
N TYR C 36 15.48 -3.66 -4.70
CA TYR C 36 15.26 -2.23 -4.63
C TYR C 36 16.10 -1.46 -5.64
N GLN C 37 15.65 -0.27 -6.00
CA GLN C 37 16.44 0.65 -6.81
C GLN C 37 16.75 1.90 -6.01
N GLN C 38 17.94 2.45 -6.18
CA GLN C 38 18.30 3.64 -5.42
C GLN C 38 19.17 4.59 -6.22
N LYS C 39 18.61 5.75 -6.55
CA LYS C 39 19.37 6.79 -7.23
C LYS C 39 20.29 7.44 -6.21
N PRO C 40 21.47 7.90 -6.64
CA PRO C 40 22.44 8.53 -5.75
C PRO C 40 21.83 9.76 -5.07
N GLY C 41 21.80 9.76 -3.75
CA GLY C 41 21.28 10.88 -3.00
C GLY C 41 19.82 10.70 -2.61
N LYS C 42 19.10 9.92 -3.41
CA LYS C 42 17.68 9.70 -3.16
C LYS C 42 17.45 8.40 -2.40
N ALA C 43 16.23 8.23 -1.89
CA ALA C 43 15.87 7.03 -1.13
C ALA C 43 15.69 5.84 -2.07
N PRO C 44 15.78 4.62 -1.50
CA PRO C 44 15.54 3.39 -2.27
C PRO C 44 14.06 3.18 -2.54
N LYS C 45 13.75 2.70 -3.74
CA LYS C 45 12.37 2.37 -4.10
C LYS C 45 12.24 0.87 -4.35
N LEU C 46 11.14 0.29 -3.90
CA LEU C 46 10.88 -1.13 -4.10
C LEU C 46 10.55 -1.42 -5.57
N LEU C 47 11.18 -2.43 -6.13
CA LEU C 47 10.92 -2.82 -7.51
C LEU C 47 10.21 -4.18 -7.58
N ILE C 48 10.84 -5.20 -6.98
CA ILE C 48 10.29 -6.54 -6.98
C ILE C 48 10.16 -7.08 -5.57
N TYR C 49 9.04 -7.75 -5.29
CA TYR C 49 8.85 -8.40 -4.00
C TYR C 49 8.51 -9.87 -4.20
N SER C 50 8.89 -10.70 -3.22
CA SER C 50 8.64 -12.13 -3.29
C SER C 50 9.26 -12.76 -4.54
N ALA C 51 10.45 -12.28 -4.90
CA ALA C 51 11.26 -12.89 -5.95
C ALA C 51 10.89 -12.47 -7.38
N SER C 52 9.60 -12.46 -7.70
CA SER C 52 9.18 -12.24 -9.08
C SER C 52 7.94 -11.36 -9.25
N PHE C 53 7.40 -10.85 -8.15
CA PHE C 53 6.19 -10.02 -8.22
C PHE C 53 6.51 -8.53 -8.20
N LEU C 54 6.30 -7.87 -9.34
CA LEU C 54 6.58 -6.45 -9.48
C LEU C 54 5.71 -5.62 -8.54
N TYR C 55 6.29 -4.52 -8.06
CA TYR C 55 5.57 -3.59 -7.21
C TYR C 55 4.73 -2.64 -8.06
N SER C 56 3.63 -2.15 -7.50
CA SER C 56 2.74 -1.23 -8.21
C SER C 56 3.50 0.00 -8.71
N GLY C 57 3.43 0.23 -10.01
CA GLY C 57 4.07 1.38 -10.62
C GLY C 57 5.44 1.06 -11.21
N VAL C 58 5.94 -0.13 -10.92
CA VAL C 58 7.23 -0.57 -11.46
C VAL C 58 7.08 -1.06 -12.90
N PRO C 59 7.80 -0.41 -13.82
CA PRO C 59 7.75 -0.70 -15.27
C PRO C 59 7.82 -2.19 -15.58
N SER C 60 7.31 -2.55 -16.77
CA SER C 60 7.25 -3.95 -17.19
C SER C 60 8.63 -4.50 -17.54
N ARG C 61 9.55 -3.62 -17.90
CA ARG C 61 10.89 -4.04 -18.33
C ARG C 61 11.71 -4.61 -17.18
N PHE C 62 11.23 -4.42 -15.95
CA PHE C 62 11.90 -4.98 -14.77
C PHE C 62 11.34 -6.37 -14.47
N SER C 63 12.25 -7.33 -14.31
CA SER C 63 11.84 -8.73 -14.12
C SER C 63 12.68 -9.42 -13.05
N GLY C 64 12.00 -10.18 -12.19
CA GLY C 64 12.67 -10.94 -11.14
C GLY C 64 12.33 -12.41 -11.22
N SER C 65 13.19 -13.25 -10.63
CA SER C 65 13.00 -14.69 -10.67
C SER C 65 14.02 -15.41 -9.79
N GLY C 66 13.67 -16.61 -9.33
CA GLY C 66 14.59 -17.42 -8.56
C GLY C 66 13.98 -18.06 -7.32
N SER C 67 14.65 -19.09 -6.81
CA SER C 67 14.25 -19.76 -5.58
C SER C 67 15.44 -20.44 -4.90
N GLY C 68 15.37 -20.57 -3.58
CA GLY C 68 16.43 -21.21 -2.82
C GLY C 68 17.59 -20.29 -2.52
N THR C 69 18.55 -20.24 -3.43
CA THR C 69 19.74 -19.42 -3.23
C THR C 69 20.07 -18.57 -4.46
N ASP C 70 19.63 -19.02 -5.63
CA ASP C 70 19.92 -18.32 -6.88
C ASP C 70 18.74 -17.50 -7.39
N PHE C 71 18.76 -16.21 -7.11
CA PHE C 71 17.75 -15.28 -7.59
C PHE C 71 18.40 -14.29 -8.54
N THR C 72 17.65 -13.85 -9.56
CA THR C 72 18.20 -12.93 -10.54
C THR C 72 17.24 -11.79 -10.87
N LEU C 73 17.78 -10.59 -11.02
CA LEU C 73 17.02 -9.44 -11.47
C LEU C 73 17.42 -9.09 -12.90
N THR C 74 16.43 -8.96 -13.79
CA THR C 74 16.71 -8.70 -15.18
C THR C 74 15.98 -7.46 -15.71
N ILE C 75 16.71 -6.61 -16.43
CA ILE C 75 16.13 -5.43 -17.04
C ILE C 75 16.21 -5.56 -18.56
N SER C 76 15.17 -6.15 -19.15
CA SER C 76 15.16 -6.49 -20.57
C SER C 76 15.64 -5.36 -21.48
N SER C 77 15.05 -4.18 -21.32
CA SER C 77 15.41 -3.04 -22.16
C SER C 77 15.89 -1.87 -21.31
N LEU C 78 17.21 -1.77 -21.17
CA LEU C 78 17.83 -0.74 -20.32
C LEU C 78 17.47 0.68 -20.78
N GLN C 79 17.17 1.53 -19.82
CA GLN C 79 16.84 2.92 -20.10
C GLN C 79 17.73 3.85 -19.29
N PRO C 80 17.91 5.09 -19.77
CA PRO C 80 18.71 6.09 -19.06
C PRO C 80 18.28 6.25 -17.60
N GLU C 81 16.97 6.31 -17.36
CA GLU C 81 16.44 6.51 -16.03
C GLU C 81 16.62 5.30 -15.12
N ASP C 82 17.25 4.25 -15.65
CA ASP C 82 17.48 3.03 -14.87
C ASP C 82 18.85 3.05 -14.19
N PHE C 83 19.61 4.11 -14.40
CA PHE C 83 20.89 4.30 -13.72
C PHE C 83 20.67 4.35 -12.22
N ALA C 84 21.30 3.42 -11.50
CA ALA C 84 21.19 3.38 -10.04
C ALA C 84 21.92 2.18 -9.47
N THR C 85 21.89 2.06 -8.14
CA THR C 85 22.47 0.91 -7.46
C THR C 85 21.34 -0.01 -7.01
N TYR C 86 21.45 -1.29 -7.34
CA TYR C 86 20.39 -2.24 -7.05
C TYR C 86 20.76 -3.19 -5.91
N TYR C 87 19.79 -3.46 -5.04
CA TYR C 87 19.99 -4.33 -3.90
C TYR C 87 18.95 -5.44 -3.85
N CYS C 88 19.39 -6.64 -3.47
CA CYS C 88 18.46 -7.73 -3.19
C CYS C 88 18.30 -7.85 -1.68
N GLN C 89 17.24 -8.50 -1.24
CA GLN C 89 16.95 -8.61 0.18
C GLN C 89 16.32 -9.96 0.53
N GLN C 90 16.60 -10.42 1.76
CA GLN C 90 16.00 -11.65 2.27
C GLN C 90 15.28 -11.37 3.58
N PHE C 91 14.19 -12.10 3.82
CA PHE C 91 13.39 -11.91 5.02
C PHE C 91 12.51 -13.11 5.39
N PRO C 92 13.02 -14.34 5.16
CA PRO C 92 12.19 -15.51 5.46
C PRO C 92 12.05 -15.72 6.97
N THR C 93 13.10 -15.42 7.71
CA THR C 93 13.12 -15.60 9.15
C THR C 93 13.01 -14.26 9.88
N TYR C 94 12.60 -13.23 9.14
CA TYR C 94 12.36 -11.91 9.70
C TYR C 94 13.62 -11.29 10.32
N LEU C 95 14.77 -11.57 9.71
CA LEU C 95 16.02 -10.92 10.05
C LEU C 95 16.67 -10.45 8.76
N PRO C 96 16.18 -9.32 8.21
CA PRO C 96 16.54 -8.81 6.88
C PRO C 96 18.01 -8.43 6.74
N THR C 97 18.62 -8.86 5.63
CA THR C 97 19.95 -8.42 5.25
C THR C 97 19.99 -8.22 3.75
N PHE C 98 20.58 -7.12 3.30
CA PHE C 98 20.61 -6.78 1.89
C PHE C 98 21.91 -7.23 1.24
N GLY C 99 22.00 -7.08 -0.08
CA GLY C 99 23.22 -7.37 -0.80
C GLY C 99 24.16 -6.17 -0.77
N GLN C 100 25.37 -6.33 -1.28
CA GLN C 100 26.35 -5.24 -1.24
C GLN C 100 26.11 -4.20 -2.33
N GLY C 101 25.07 -4.41 -3.12
CA GLY C 101 24.69 -3.45 -4.15
C GLY C 101 25.32 -3.70 -5.50
N THR C 102 24.77 -3.08 -6.53
CA THR C 102 25.27 -3.22 -7.89
C THR C 102 24.96 -1.96 -8.71
N LYS C 103 25.94 -1.07 -8.84
CA LYS C 103 25.74 0.17 -9.58
C LYS C 103 25.67 -0.09 -11.08
N VAL C 104 24.53 0.26 -11.68
CA VAL C 104 24.33 0.09 -13.11
C VAL C 104 24.45 1.42 -13.83
N GLU C 105 25.56 1.62 -14.54
CA GLU C 105 25.82 2.85 -15.25
C GLU C 105 25.37 2.76 -16.71
N ILE C 106 25.13 3.91 -17.33
CA ILE C 106 24.63 3.95 -18.70
C ILE C 106 25.72 4.34 -19.69
N LYS C 107 25.75 3.66 -20.83
CA LYS C 107 26.67 3.98 -21.91
C LYS C 107 25.94 4.73 -23.02
N ARG C 108 26.56 5.80 -23.53
CA ARG C 108 25.98 6.56 -24.63
C ARG C 108 27.07 7.12 -25.55
N THR C 109 26.68 8.01 -26.44
CA THR C 109 27.61 8.60 -27.39
C THR C 109 28.32 9.80 -26.79
N VAL C 110 29.39 10.23 -27.45
CA VAL C 110 30.22 11.33 -26.96
C VAL C 110 29.45 12.65 -26.89
N ALA C 111 29.59 13.34 -25.76
CA ALA C 111 29.00 14.65 -25.58
C ALA C 111 30.01 15.60 -24.95
N ALA C 112 30.16 16.79 -25.53
CA ALA C 112 31.13 17.76 -25.05
C ALA C 112 30.53 18.71 -24.02
N PRO C 113 31.36 19.20 -23.08
CA PRO C 113 30.93 20.06 -21.98
C PRO C 113 30.60 21.48 -22.40
N SER C 114 29.69 22.11 -21.67
CA SER C 114 29.46 23.54 -21.78
C SER C 114 30.22 24.22 -20.64
N VAL C 115 31.27 24.93 -20.98
CA VAL C 115 32.20 25.45 -19.97
C VAL C 115 31.94 26.89 -19.57
N PHE C 116 31.57 27.09 -18.31
CA PHE C 116 31.38 28.43 -17.75
C PHE C 116 32.45 28.71 -16.71
N ILE C 117 32.68 29.99 -16.43
CA ILE C 117 33.59 30.37 -15.36
C ILE C 117 32.99 31.54 -14.56
N PHE C 118 33.07 31.44 -13.23
CA PHE C 118 32.48 32.45 -12.36
C PHE C 118 33.54 33.18 -11.56
N PRO C 119 33.42 34.50 -11.46
CA PRO C 119 34.32 35.31 -10.63
C PRO C 119 33.97 35.15 -9.16
N PRO C 120 34.87 35.57 -8.26
CA PRO C 120 34.54 35.58 -6.83
C PRO C 120 33.44 36.61 -6.56
N SER C 121 32.52 36.29 -5.65
CA SER C 121 31.46 37.22 -5.30
C SER C 121 31.99 38.29 -4.37
N ASP C 122 31.41 39.48 -4.44
CA ASP C 122 31.79 40.58 -3.56
C ASP C 122 31.57 40.21 -2.10
N GLU C 123 30.63 39.32 -1.85
CA GLU C 123 30.29 38.92 -0.49
C GLU C 123 31.40 38.09 0.14
N GLN C 124 31.92 37.13 -0.61
CA GLN C 124 33.06 36.33 -0.15
C GLN C 124 34.30 37.20 -0.08
N LEU C 125 34.46 38.06 -1.08
CA LEU C 125 35.59 38.98 -1.15
C LEU C 125 35.61 39.87 0.10
N LYS C 126 34.44 40.09 0.67
CA LYS C 126 34.28 40.89 1.88
C LYS C 126 35.02 40.26 3.05
N SER C 127 35.17 38.93 3.01
CA SER C 127 35.80 38.20 4.10
C SER C 127 37.26 37.81 3.80
N GLY C 128 37.87 38.51 2.84
CA GLY C 128 39.28 38.30 2.52
C GLY C 128 39.60 36.95 1.91
N THR C 129 38.67 36.42 1.13
CA THR C 129 38.89 35.15 0.44
C THR C 129 38.21 35.19 -0.94
N ALA C 130 38.75 34.44 -1.89
CA ALA C 130 38.21 34.43 -3.24
C ALA C 130 38.13 33.02 -3.83
N SER C 131 36.92 32.60 -4.18
CA SER C 131 36.72 31.29 -4.79
C SER C 131 36.30 31.40 -6.25
N VAL C 132 37.21 31.02 -7.15
CA VAL C 132 36.92 31.00 -8.57
C VAL C 132 36.36 29.63 -8.95
N VAL C 133 35.28 29.62 -9.72
CA VAL C 133 34.61 28.37 -10.05
C VAL C 133 34.49 28.14 -11.55
N CYS C 134 34.79 26.93 -11.99
CA CYS C 134 34.61 26.53 -13.38
C CYS C 134 33.54 25.46 -13.46
N LEU C 135 32.70 25.53 -14.49
CA LEU C 135 31.57 24.61 -14.61
C LEU C 135 31.54 23.92 -15.97
N LEU C 136 31.67 22.60 -15.96
CA LEU C 136 31.53 21.79 -17.16
C LEU C 136 30.16 21.13 -17.14
N ASN C 137 29.33 21.42 -18.15
CA ASN C 137 27.94 21.02 -18.12
C ASN C 137 27.56 19.96 -19.16
N ASN C 138 26.98 18.86 -18.68
CA ASN C 138 26.43 17.80 -19.53
C ASN C 138 27.39 17.24 -20.58
N PHE C 139 28.27 16.34 -20.14
CA PHE C 139 29.24 15.74 -21.05
C PHE C 139 29.39 14.24 -20.83
N TYR C 140 29.93 13.56 -21.85
CA TYR C 140 30.23 12.13 -21.76
C TYR C 140 31.43 11.82 -22.64
N PRO C 141 32.33 10.96 -22.15
CA PRO C 141 32.25 10.26 -20.86
C PRO C 141 32.61 11.15 -19.68
N ARG C 142 32.83 10.54 -18.51
CA ARG C 142 33.12 11.28 -17.30
C ARG C 142 34.55 11.83 -17.30
N GLU C 143 35.43 11.19 -18.08
CA GLU C 143 36.83 11.58 -18.11
C GLU C 143 37.03 13.00 -18.63
N ALA C 144 37.54 13.87 -17.77
CA ALA C 144 37.77 15.27 -18.13
C ALA C 144 38.88 15.88 -17.28
N LYS C 145 39.82 16.56 -17.93
CA LYS C 145 40.90 17.24 -17.23
C LYS C 145 40.62 18.74 -17.15
N VAL C 146 40.61 19.27 -15.93
CA VAL C 146 40.39 20.70 -15.72
C VAL C 146 41.62 21.33 -15.07
N GLN C 147 42.26 22.25 -15.79
CA GLN C 147 43.44 22.93 -15.26
C GLN C 147 43.19 24.41 -15.04
N TRP C 148 43.71 24.93 -13.94
CA TRP C 148 43.57 26.34 -13.60
C TRP C 148 44.82 27.13 -13.99
N LYS C 149 44.61 28.30 -14.57
CA LYS C 149 45.72 29.15 -15.02
C LYS C 149 45.55 30.59 -14.56
N VAL C 150 46.57 31.13 -13.92
CA VAL C 150 46.56 32.52 -13.47
C VAL C 150 47.67 33.28 -14.18
N ASP C 151 47.30 34.01 -15.24
CA ASP C 151 48.28 34.67 -16.09
C ASP C 151 49.22 33.64 -16.70
N ASN C 152 48.63 32.60 -17.30
CA ASN C 152 49.39 31.55 -17.97
C ASN C 152 50.16 30.65 -17.00
N ALA C 153 49.80 30.69 -15.72
CA ALA C 153 50.49 29.91 -14.70
C ALA C 153 49.75 28.63 -14.33
N LEU C 154 50.50 27.55 -14.11
CA LEU C 154 49.94 26.25 -13.78
C LEU C 154 49.63 26.13 -12.29
N GLN C 155 48.35 26.09 -11.94
CA GLN C 155 47.93 25.94 -10.57
C GLN C 155 47.91 24.46 -10.17
N SER C 156 48.14 24.20 -8.88
CA SER C 156 48.09 22.83 -8.37
C SER C 156 48.04 22.83 -6.85
N GLY C 157 47.23 21.94 -6.29
CA GLY C 157 47.12 21.79 -4.85
C GLY C 157 46.29 22.87 -4.19
N ASN C 158 45.61 23.67 -5.00
CA ASN C 158 44.76 24.75 -4.47
C ASN C 158 43.37 24.74 -5.08
N SER C 159 42.96 23.62 -5.66
CA SER C 159 41.66 23.50 -6.28
C SER C 159 41.04 22.12 -6.06
N GLN C 160 39.72 22.08 -6.01
CA GLN C 160 38.99 20.83 -5.82
C GLN C 160 38.01 20.54 -6.95
N GLU C 161 37.70 19.26 -7.15
CA GLU C 161 36.75 18.85 -8.18
C GLU C 161 35.56 18.13 -7.59
N SER C 162 34.41 18.28 -8.23
CA SER C 162 33.21 17.54 -7.87
C SER C 162 32.45 17.16 -9.13
N VAL C 163 32.18 15.87 -9.31
CA VAL C 163 31.45 15.40 -10.48
C VAL C 163 30.10 14.84 -10.08
N THR C 164 29.07 15.20 -10.85
CA THR C 164 27.72 14.69 -10.61
C THR C 164 27.61 13.24 -11.01
N GLU C 165 26.62 12.55 -10.43
CA GLU C 165 26.30 11.20 -10.85
C GLU C 165 25.63 11.27 -12.21
N GLN C 166 25.61 10.14 -12.92
CA GLN C 166 25.10 10.12 -14.28
C GLN C 166 23.64 10.60 -14.36
N ASP C 167 23.38 11.52 -15.28
CA ASP C 167 22.06 12.09 -15.45
C ASP C 167 21.04 11.02 -15.83
N SER C 168 19.88 11.07 -15.20
CA SER C 168 18.85 10.05 -15.39
C SER C 168 18.08 10.28 -16.70
N LYS C 169 18.23 11.49 -17.26
CA LYS C 169 17.46 11.86 -18.45
C LYS C 169 18.24 11.69 -19.74
N ASP C 170 19.54 12.02 -19.71
CA ASP C 170 20.37 11.91 -20.91
C ASP C 170 21.70 11.22 -20.63
N SER C 171 21.95 10.89 -19.38
CA SER C 171 23.13 10.11 -19.00
C SER C 171 24.44 10.84 -19.26
N THR C 172 24.49 12.12 -18.91
CA THR C 172 25.72 12.90 -19.04
C THR C 172 26.19 13.41 -17.68
N TYR C 173 27.46 13.76 -17.60
CA TYR C 173 28.05 14.23 -16.35
C TYR C 173 28.31 15.72 -16.35
N SER C 174 28.04 16.37 -15.22
CA SER C 174 28.40 17.76 -15.01
C SER C 174 29.54 17.81 -14.00
N LEU C 175 30.47 18.73 -14.20
CA LEU C 175 31.63 18.84 -13.31
C LEU C 175 31.80 20.26 -12.77
N SER C 176 32.28 20.36 -11.54
CA SER C 176 32.50 21.65 -10.90
C SER C 176 33.87 21.70 -10.24
N SER C 177 34.68 22.67 -10.65
CA SER C 177 36.00 22.86 -10.07
C SER C 177 36.07 24.20 -9.34
N THR C 178 36.84 24.25 -8.26
CA THR C 178 36.93 25.45 -7.44
C THR C 178 38.37 25.83 -7.11
N LEU C 179 38.75 27.06 -7.46
CA LEU C 179 40.06 27.58 -7.12
C LEU C 179 39.94 28.54 -5.95
N THR C 180 40.61 28.22 -4.84
CA THR C 180 40.49 29.03 -3.63
C THR C 180 41.78 29.80 -3.31
N LEU C 181 41.69 31.12 -3.38
CA LEU C 181 42.81 31.99 -3.07
C LEU C 181 42.39 33.01 -2.03
N SER C 182 43.35 33.79 -1.54
CA SER C 182 43.04 34.87 -0.62
C SER C 182 42.56 36.08 -1.41
N LYS C 183 42.14 37.13 -0.71
CA LYS C 183 41.73 38.35 -1.38
C LYS C 183 42.95 39.08 -1.92
N ALA C 184 44.04 39.02 -1.19
CA ALA C 184 45.29 39.67 -1.60
C ALA C 184 45.88 38.99 -2.83
N ASP C 185 46.08 37.68 -2.74
CA ASP C 185 46.63 36.91 -3.84
C ASP C 185 45.82 37.10 -5.11
N TYR C 186 44.50 37.10 -4.96
CA TYR C 186 43.60 37.24 -6.11
C TYR C 186 43.65 38.64 -6.72
N GLU C 187 44.22 39.59 -5.99
CA GLU C 187 44.21 40.98 -6.42
C GLU C 187 45.46 41.41 -7.20
N LYS C 188 46.49 40.58 -7.22
CA LYS C 188 47.71 40.91 -7.95
C LYS C 188 47.79 40.17 -9.27
N HIS C 189 46.72 39.46 -9.62
CA HIS C 189 46.68 38.71 -10.86
C HIS C 189 45.48 39.14 -11.71
N LYS C 190 45.67 39.12 -13.03
CA LYS C 190 44.70 39.69 -13.96
C LYS C 190 43.85 38.62 -14.66
N VAL C 191 44.50 37.71 -15.37
CA VAL C 191 43.79 36.70 -16.13
C VAL C 191 43.62 35.39 -15.36
N TYR C 192 42.38 34.89 -15.33
CA TYR C 192 42.08 33.62 -14.69
C TYR C 192 41.43 32.66 -15.69
N ALA C 193 42.22 31.70 -16.17
CA ALA C 193 41.76 30.76 -17.18
C ALA C 193 41.40 29.41 -16.59
N CYS C 194 40.52 28.70 -17.28
CA CYS C 194 40.08 27.38 -16.84
C CYS C 194 40.10 26.40 -18.02
N GLU C 195 41.30 26.01 -18.43
CA GLU C 195 41.44 25.13 -19.59
C GLU C 195 40.76 23.78 -19.35
N VAL C 196 39.93 23.37 -20.29
CA VAL C 196 39.19 22.13 -20.19
C VAL C 196 39.56 21.17 -21.32
N THR C 197 39.90 19.94 -20.95
CA THR C 197 40.23 18.91 -21.93
C THR C 197 39.27 17.73 -21.82
N HIS C 198 38.55 17.47 -22.90
CA HIS C 198 37.58 16.37 -22.90
C HIS C 198 37.57 15.65 -24.25
N GLN C 199 37.34 14.34 -24.21
CA GLN C 199 37.26 13.53 -25.42
C GLN C 199 36.25 14.12 -26.40
N GLY C 200 35.27 14.85 -25.88
CA GLY C 200 34.25 15.47 -26.69
C GLY C 200 34.76 16.65 -27.51
N LEU C 201 35.75 17.37 -26.98
CA LEU C 201 36.36 18.47 -27.70
C LEU C 201 37.48 17.98 -28.60
N SER C 202 37.59 18.59 -29.77
CA SER C 202 38.68 18.28 -30.69
C SER C 202 39.97 18.95 -30.22
N SER C 203 39.84 19.83 -29.23
CA SER C 203 40.98 20.55 -28.67
C SER C 203 40.56 21.25 -27.38
N PRO C 204 41.50 21.37 -26.43
CA PRO C 204 41.22 21.99 -25.12
C PRO C 204 40.51 23.34 -25.24
N VAL C 205 39.40 23.48 -24.53
CA VAL C 205 38.65 24.73 -24.51
C VAL C 205 38.99 25.54 -23.27
N THR C 206 39.33 26.82 -23.47
CA THR C 206 39.70 27.69 -22.36
C THR C 206 38.67 28.81 -22.15
N LYS C 207 38.09 28.84 -20.96
CA LYS C 207 37.17 29.91 -20.58
C LYS C 207 37.79 30.75 -19.48
N SER C 208 38.01 32.03 -19.76
CA SER C 208 38.68 32.91 -18.81
C SER C 208 37.97 34.24 -18.65
N PHE C 209 38.47 35.05 -17.72
CA PHE C 209 37.94 36.39 -17.49
C PHE C 209 39.03 37.30 -16.94
N ASN C 210 39.12 38.51 -17.47
CA ASN C 210 40.10 39.49 -16.98
C ASN C 210 39.56 40.24 -15.76
N ARG C 211 40.16 39.96 -14.61
CA ARG C 211 39.73 40.58 -13.35
C ARG C 211 39.73 42.11 -13.46
N GLY C 212 38.73 42.73 -12.84
CA GLY C 212 38.63 44.17 -12.84
C GLY C 212 38.24 44.77 -14.18
N GLU C 213 37.79 43.92 -15.10
CA GLU C 213 37.35 44.40 -16.41
C GLU C 213 35.83 44.41 -16.55
N CYS C 214 35.36 44.30 -17.78
CA CYS C 214 33.93 44.29 -18.08
C CYS C 214 33.28 45.62 -17.73
#